data_9M33
#
_entry.id   9M33
#
_cell.length_a   1.00
_cell.length_b   1.00
_cell.length_c   1.00
_cell.angle_alpha   90.00
_cell.angle_beta   90.00
_cell.angle_gamma   90.00
#
_symmetry.space_group_name_H-M   'P 1'
#
loop_
_entity.id
_entity.type
_entity.pdbx_description
1 polymer DjCas13d
2 polymer 'RNA (51-MER)'
3 polymer 'RNA (30-MER)'
4 non-polymer 'MAGNESIUM ION'
#
loop_
_entity_poly.entity_id
_entity_poly.type
_entity_poly.pdbx_seq_one_letter_code
_entity_poly.pdbx_strand_id
1 'polypeptide(L)'
;MKKQKSKKTVSKTSGLKEALSVQGTVIMTSFGKGNMANLSYKIPSSQKPQNLNSSAGLKNVEVSGKKIKFQGRHPKIATT
DNPLFKPQPGMDLLCLKDKLEMHYFGKTFDDNIHIQLIYQILDIEKILAVHVNNIVFTLDNVLHPQKEELTEDFIGAGGW
RINLDYQTLRGQTNKYDRFKNYIKRKELLYFGEAFYHENERRYEEDIFAILTLLSALAQFCFASDLSSDESDHVNSFWLY
QLEDQLSDEFKETLSILWEEVTERIDSEFLKTNTVNLHILCHVFPKESKETIVRAYYEFLIKKSFKNMGFSIKKLREIML
EQSDLKSFKEDKYNSVRAKLYKLFDFIITYYYDHHAFEKEALVSSLRSSLTEENKEEIYIKTARTLASALGADFKKAAAD
VNAKNIRDYQKKANDYRISFEDIKIGNTGIGYFSELIYMLTLLLDGKEINDLLTTLINKFDNIISFIDILKKLNLEFKFK
PEYADFFNMTNCRYTLEELRVINSIARMQKPSADARKIMYRDALRILGMDNRPDEEIDRELERTMPVGADGKFIKGKQGF
RNFIASNVIESSRFHYLVRYNNPHKTRTLVKNPNVVKFVLEGIPETQIKRYFDVCKGQEIPPTSDKSAQIDVLARIISSV
DYKIFEDVPQSAKINKDDPSRNFSDALKKQRYQAIVSLYLTVMYLITKNLVYVNSRYVIAFHCLERDAFLHGVTLPKMNK
KIVYSQLTTHLLTDKNYTTYGHLKNQKGHRKWYVLVKNNLQNSDITAVSSFANIVAAISVVRNSNEYISGIGELHSYFEL
YHYLVQSMIAKNNWYDTSHQPKTAEYLNNLKKHHTYCKDFVKAYCIPFGYVVPRYKNLTINELFDRNNPNPEPKEEV
;
A
2 'polyribonucleotide' CAACCCCGUAAAAAUACGGGGUUCUGAAACGCCAACGAACAUCAUGACAGC B
3 'polyribonucleotide' GCUGUGGGCGCUGUCAUGAUGUUCGUUGGC C
#
loop_
_chem_comp.id
_chem_comp.type
_chem_comp.name
_chem_comp.formula
A RNA linking ADENOSINE-5'-MONOPHOSPHATE 'C10 H14 N5 O7 P'
C RNA linking CYTIDINE-5'-MONOPHOSPHATE 'C9 H14 N3 O8 P'
G RNA linking GUANOSINE-5'-MONOPHOSPHATE 'C10 H14 N5 O8 P'
MG non-polymer 'MAGNESIUM ION' 'Mg 2'
U RNA linking URIDINE-5'-MONOPHOSPHATE 'C9 H13 N2 O9 P'
#
# COMPACT_ATOMS: atom_id res chain seq x y z
N PRO A 89 -22.43 -25.86 -15.03
CA PRO A 89 -22.13 -26.10 -13.61
C PRO A 89 -20.85 -25.39 -13.18
N GLY A 90 -20.96 -24.11 -12.80
CA GLY A 90 -19.82 -23.34 -12.36
C GLY A 90 -18.99 -22.71 -13.45
N MET A 91 -19.46 -22.75 -14.70
CA MET A 91 -18.71 -22.14 -15.79
C MET A 91 -18.66 -20.62 -15.62
N ASP A 92 -17.48 -20.05 -15.78
CA ASP A 92 -17.29 -18.62 -15.59
C ASP A 92 -17.63 -17.84 -16.87
N LEU A 93 -17.80 -16.53 -16.71
CA LEU A 93 -18.21 -15.70 -17.83
C LEU A 93 -17.08 -15.51 -18.83
N LEU A 94 -15.83 -15.43 -18.36
CA LEU A 94 -14.70 -15.21 -19.25
C LEU A 94 -14.36 -16.43 -20.09
N CYS A 95 -14.94 -17.59 -19.78
CA CYS A 95 -14.75 -18.83 -20.53
C CYS A 95 -13.29 -19.28 -20.53
N LEU A 96 -12.78 -19.52 -19.32
CA LEU A 96 -11.40 -19.99 -19.15
C LEU A 96 -11.29 -21.02 -18.04
N LYS A 97 -12.32 -21.84 -17.83
CA LYS A 97 -12.28 -22.83 -16.77
C LYS A 97 -11.31 -23.97 -17.11
N ASP A 98 -11.54 -24.62 -18.26
CA ASP A 98 -10.74 -25.78 -18.64
C ASP A 98 -9.27 -25.41 -18.83
N LYS A 99 -9.01 -24.28 -19.48
CA LYS A 99 -7.62 -23.87 -19.73
C LYS A 99 -6.87 -23.67 -18.42
N LEU A 100 -7.48 -22.96 -17.47
CA LEU A 100 -6.82 -22.73 -16.19
C LEU A 100 -6.63 -24.03 -15.42
N GLU A 101 -7.65 -24.90 -15.39
CA GLU A 101 -7.53 -26.15 -14.66
C GLU A 101 -6.44 -27.04 -15.24
N MET A 102 -6.33 -27.10 -16.56
CA MET A 102 -5.28 -27.93 -17.16
C MET A 102 -3.91 -27.26 -17.04
N HIS A 103 -3.87 -25.93 -16.93
CA HIS A 103 -2.59 -25.24 -16.76
C HIS A 103 -2.04 -25.44 -15.36
N TYR A 104 -2.90 -25.49 -14.35
CA TYR A 104 -2.45 -25.59 -12.97
C TYR A 104 -2.42 -27.02 -12.45
N PHE A 105 -3.52 -27.77 -12.61
CA PHE A 105 -3.62 -29.10 -12.03
C PHE A 105 -3.14 -30.19 -12.98
N GLY A 106 -3.76 -30.31 -14.15
CA GLY A 106 -3.35 -31.31 -15.12
C GLY A 106 -4.49 -32.03 -15.81
N LYS A 107 -5.73 -31.71 -15.45
CA LYS A 107 -6.90 -32.31 -16.07
C LYS A 107 -8.11 -31.42 -15.80
N THR A 108 -9.29 -31.90 -16.15
CA THR A 108 -10.53 -31.15 -16.02
C THR A 108 -11.41 -31.77 -14.94
N PHE A 109 -12.08 -30.91 -14.17
CA PHE A 109 -12.85 -31.35 -13.01
C PHE A 109 -14.28 -30.84 -13.12
N ASP A 110 -15.22 -31.65 -12.63
CA ASP A 110 -16.64 -31.28 -12.60
C ASP A 110 -17.04 -30.77 -11.21
N ASP A 111 -16.42 -29.67 -10.80
CA ASP A 111 -16.73 -29.06 -9.51
C ASP A 111 -16.34 -27.59 -9.55
N ASN A 112 -16.82 -26.83 -8.57
CA ASN A 112 -16.66 -25.39 -8.52
C ASN A 112 -15.91 -24.94 -7.27
N ILE A 113 -14.83 -25.63 -6.93
CA ILE A 113 -14.04 -25.26 -5.76
C ILE A 113 -12.61 -24.94 -6.19
N HIS A 114 -12.19 -25.51 -7.32
CA HIS A 114 -10.82 -25.32 -7.79
C HIS A 114 -10.61 -23.94 -8.43
N ILE A 115 -11.61 -23.47 -9.19
CA ILE A 115 -11.42 -22.24 -9.94
C ILE A 115 -11.33 -21.04 -9.02
N GLN A 116 -12.10 -21.04 -7.92
CA GLN A 116 -11.99 -19.99 -6.93
C GLN A 116 -10.62 -20.00 -6.28
N LEU A 117 -10.04 -21.19 -6.11
CA LEU A 117 -8.68 -21.29 -5.61
C LEU A 117 -7.69 -20.68 -6.61
N ILE A 118 -7.91 -20.91 -7.90
CA ILE A 118 -6.99 -20.39 -8.91
C ILE A 118 -7.06 -18.87 -9.01
N TYR A 119 -8.25 -18.28 -8.83
CA TYR A 119 -8.34 -16.82 -8.93
C TYR A 119 -7.55 -16.08 -7.84
N GLN A 120 -7.39 -16.66 -6.65
CA GLN A 120 -6.57 -15.99 -5.64
C GLN A 120 -5.10 -15.95 -6.07
N ILE A 121 -4.61 -17.05 -6.66
CA ILE A 121 -3.27 -17.08 -7.23
C ILE A 121 -3.14 -16.03 -8.32
N LEU A 122 -4.18 -15.88 -9.14
CA LEU A 122 -4.15 -14.84 -10.16
C LEU A 122 -4.16 -13.45 -9.53
N ASP A 123 -4.79 -13.31 -8.36
CA ASP A 123 -4.99 -12.00 -7.74
C ASP A 123 -3.70 -11.47 -7.11
N ILE A 124 -2.93 -12.32 -6.45
CA ILE A 124 -1.73 -11.83 -5.73
C ILE A 124 -0.79 -11.08 -6.68
N GLU A 125 -0.60 -11.62 -7.89
CA GLU A 125 0.32 -11.03 -8.84
C GLU A 125 -0.07 -9.60 -9.20
N LYS A 126 -1.37 -9.27 -9.14
CA LYS A 126 -1.81 -7.93 -9.52
C LYS A 126 -1.22 -6.87 -8.60
N ILE A 127 -1.41 -7.03 -7.29
CA ILE A 127 -0.88 -6.06 -6.34
C ILE A 127 0.64 -6.09 -6.35
N LEU A 128 1.23 -7.27 -6.53
CA LEU A 128 2.68 -7.34 -6.59
C LEU A 128 3.21 -6.51 -7.76
N ALA A 129 2.58 -6.64 -8.94
CA ALA A 129 3.01 -5.89 -10.11
C ALA A 129 2.81 -4.39 -9.93
N VAL A 130 1.67 -3.99 -9.36
CA VAL A 130 1.41 -2.57 -9.14
C VAL A 130 2.54 -1.96 -8.31
N HIS A 131 2.88 -2.59 -7.19
CA HIS A 131 3.88 -1.99 -6.32
C HIS A 131 5.29 -2.06 -6.92
N VAL A 132 5.59 -3.11 -7.68
CA VAL A 132 6.89 -3.17 -8.35
C VAL A 132 7.02 -2.02 -9.34
N ASN A 133 5.96 -1.74 -10.10
CA ASN A 133 5.99 -0.63 -11.04
C ASN A 133 6.20 0.70 -10.33
N ASN A 134 5.51 0.89 -9.20
CA ASN A 134 5.69 2.13 -8.46
C ASN A 134 7.14 2.30 -7.99
N ILE A 135 7.74 1.22 -7.47
CA ILE A 135 9.11 1.29 -6.98
C ILE A 135 10.07 1.62 -8.12
N VAL A 136 9.88 0.99 -9.28
CA VAL A 136 10.76 1.25 -10.41
C VAL A 136 10.65 2.71 -10.85
N PHE A 137 9.43 3.24 -10.89
CA PHE A 137 9.27 4.64 -11.27
C PHE A 137 9.98 5.57 -10.28
N THR A 138 9.83 5.31 -8.99
CA THR A 138 10.50 6.16 -7.99
C THR A 138 12.01 6.11 -8.16
N LEU A 139 12.56 4.91 -8.39
CA LEU A 139 14.00 4.77 -8.56
C LEU A 139 14.48 5.53 -9.79
N ASP A 140 13.74 5.45 -10.90
CA ASP A 140 14.14 6.16 -12.11
C ASP A 140 13.92 7.66 -11.99
N ASN A 141 13.05 8.11 -11.08
CA ASN A 141 12.82 9.54 -10.92
C ASN A 141 13.88 10.19 -10.03
N VAL A 142 14.16 9.59 -8.87
CA VAL A 142 15.14 10.19 -7.96
C VAL A 142 16.53 10.16 -8.57
N LEU A 143 16.90 9.04 -9.19
CA LEU A 143 18.23 8.83 -9.75
C LEU A 143 18.11 8.99 -11.27
N HIS A 144 18.60 10.11 -11.79
CA HIS A 144 18.55 10.33 -13.22
C HIS A 144 19.49 9.35 -13.94
N PRO A 145 19.07 8.80 -15.08
CA PRO A 145 19.88 7.82 -15.83
C PRO A 145 21.19 8.40 -16.34
N LEU A 164 27.20 -13.28 -16.46
CA LEU A 164 27.26 -14.28 -15.41
C LEU A 164 27.04 -13.66 -14.04
N ASP A 165 27.96 -13.94 -13.13
CA ASP A 165 27.90 -13.44 -11.75
C ASP A 165 28.65 -12.11 -11.67
N TYR A 166 29.01 -11.60 -10.50
CA TYR A 166 29.68 -10.31 -10.39
C TYR A 166 31.01 -10.29 -11.13
N GLN A 167 31.60 -11.46 -11.40
CA GLN A 167 32.89 -11.51 -12.07
C GLN A 167 32.79 -10.91 -13.47
N THR A 168 31.72 -11.19 -14.20
CA THR A 168 31.54 -10.65 -15.54
C THR A 168 31.34 -9.13 -15.53
N LEU A 169 30.83 -8.58 -14.42
CA LEU A 169 30.53 -7.15 -14.37
C LEU A 169 31.77 -6.30 -14.63
N ARG A 170 32.89 -6.66 -14.01
CA ARG A 170 34.11 -5.88 -14.19
C ARG A 170 34.66 -6.03 -15.60
N GLY A 171 34.44 -7.19 -16.22
CA GLY A 171 34.99 -7.42 -17.55
C GLY A 171 34.27 -6.64 -18.64
N GLN A 172 33.02 -6.24 -18.37
CA GLN A 172 32.26 -5.51 -19.38
C GLN A 172 32.89 -4.18 -19.71
N THR A 173 33.34 -3.44 -18.69
CA THR A 173 34.02 -2.14 -18.76
C THR A 173 33.05 -1.05 -19.22
N ASN A 174 31.82 -1.41 -19.60
CA ASN A 174 30.78 -0.44 -19.95
C ASN A 174 29.62 -0.49 -18.97
N LYS A 175 29.08 -1.68 -18.70
CA LYS A 175 28.12 -1.81 -17.61
C LYS A 175 28.77 -1.51 -16.28
N TYR A 176 30.05 -1.87 -16.14
CA TYR A 176 30.79 -1.51 -14.92
C TYR A 176 30.89 0.00 -14.77
N ASP A 177 31.11 0.72 -15.88
CA ASP A 177 31.20 2.17 -15.81
C ASP A 177 29.89 2.79 -15.35
N ARG A 178 28.77 2.30 -15.88
CA ARG A 178 27.46 2.80 -15.45
C ARG A 178 27.21 2.48 -13.98
N PHE A 179 27.54 1.25 -13.57
CA PHE A 179 27.30 0.84 -12.19
C PHE A 179 28.15 1.63 -11.21
N LYS A 180 29.38 1.98 -11.61
CA LYS A 180 30.26 2.71 -10.70
C LYS A 180 29.71 4.09 -10.36
N ASN A 181 29.12 4.78 -11.33
CA ASN A 181 28.57 6.11 -11.13
C ASN A 181 27.16 6.07 -10.56
N TYR A 182 26.34 5.10 -10.97
CA TYR A 182 24.98 5.00 -10.44
C TYR A 182 25.00 4.70 -8.94
N ILE A 183 25.89 3.81 -8.50
CA ILE A 183 26.05 3.53 -7.08
C ILE A 183 26.76 4.66 -6.35
N LYS A 184 27.49 5.51 -7.07
CA LYS A 184 28.16 6.67 -6.50
C LYS A 184 27.28 7.91 -6.49
N ARG A 185 26.20 7.92 -7.26
CA ARG A 185 25.27 9.03 -7.23
C ARG A 185 24.68 9.14 -5.83
N LYS A 186 24.80 10.33 -5.25
CA LYS A 186 24.70 10.49 -3.80
C LYS A 186 23.34 10.98 -3.32
N GLU A 187 22.29 10.82 -4.12
CA GLU A 187 20.93 10.98 -3.63
C GLU A 187 20.27 9.65 -3.30
N LEU A 188 21.07 8.58 -3.14
CA LEU A 188 20.57 7.32 -2.61
C LEU A 188 20.12 7.43 -1.16
N LEU A 189 20.47 8.51 -0.47
CA LEU A 189 20.15 8.65 0.95
C LEU A 189 18.66 8.83 1.20
N TYR A 190 17.88 9.11 0.17
CA TYR A 190 16.44 9.32 0.35
C TYR A 190 15.73 8.04 0.76
N PHE A 191 16.29 6.88 0.44
CA PHE A 191 15.75 5.60 0.89
C PHE A 191 16.48 5.19 2.16
N GLY A 192 15.72 4.92 3.22
CA GLY A 192 16.28 4.80 4.55
C GLY A 192 17.33 3.74 4.73
N GLU A 193 16.94 2.46 4.69
CA GLU A 193 17.85 1.36 4.95
C GLU A 193 18.07 0.49 3.71
N ALA A 194 17.75 1.02 2.53
CA ALA A 194 17.94 0.26 1.30
C ALA A 194 19.43 0.09 0.99
N PHE A 195 20.18 1.18 1.04
CA PHE A 195 21.57 1.16 0.64
C PHE A 195 22.54 1.71 1.69
N TYR A 196 22.04 2.30 2.77
CA TYR A 196 22.89 2.82 3.84
C TYR A 196 22.43 2.24 5.17
N HIS A 197 23.37 1.66 5.91
CA HIS A 197 23.08 1.12 7.23
C HIS A 197 24.19 1.51 8.19
N GLU A 198 23.79 1.96 9.38
CA GLU A 198 24.73 2.44 10.40
C GLU A 198 25.61 3.56 9.87
N ASN A 199 25.00 4.47 9.10
CA ASN A 199 25.68 5.65 8.56
C ASN A 199 26.89 5.28 7.72
N GLU A 200 26.82 4.14 7.02
CA GLU A 200 27.89 3.71 6.13
C GLU A 200 27.25 2.96 4.95
N ARG A 201 27.84 3.12 3.78
CA ARG A 201 27.27 2.56 2.57
C ARG A 201 27.43 1.04 2.54
N ARG A 202 26.41 0.36 2.07
CA ARG A 202 26.47 -1.09 1.92
C ARG A 202 27.45 -1.46 0.81
N TYR A 203 27.90 -2.71 0.83
CA TYR A 203 28.82 -3.18 -0.18
C TYR A 203 28.17 -3.16 -1.55
N GLU A 204 29.00 -3.07 -2.60
CA GLU A 204 28.48 -2.97 -3.96
C GLU A 204 27.70 -4.21 -4.36
N GLU A 205 28.12 -5.39 -3.88
CA GLU A 205 27.45 -6.62 -4.26
C GLU A 205 26.00 -6.65 -3.79
N ASP A 206 25.73 -6.17 -2.58
CA ASP A 206 24.36 -6.16 -2.07
C ASP A 206 23.46 -5.26 -2.90
N ILE A 207 23.95 -4.07 -3.26
CA ILE A 207 23.16 -3.15 -4.08
C ILE A 207 22.91 -3.74 -5.46
N PHE A 208 23.94 -4.36 -6.05
CA PHE A 208 23.76 -5.05 -7.32
C PHE A 208 22.71 -6.14 -7.21
N ALA A 209 22.74 -6.91 -6.12
CA ALA A 209 21.76 -7.98 -5.93
C ALA A 209 20.35 -7.43 -5.83
N ILE A 210 20.17 -6.34 -5.06
CA ILE A 210 18.84 -5.77 -4.90
C ILE A 210 18.31 -5.28 -6.24
N LEU A 211 19.16 -4.58 -7.01
CA LEU A 211 18.72 -4.07 -8.30
C LEU A 211 18.37 -5.20 -9.26
N THR A 212 19.21 -6.24 -9.32
CA THR A 212 18.94 -7.35 -10.22
C THR A 212 17.67 -8.09 -9.83
N LEU A 213 17.44 -8.29 -8.54
CA LEU A 213 16.23 -8.96 -8.10
C LEU A 213 14.99 -8.15 -8.45
N LEU A 214 15.07 -6.82 -8.26
CA LEU A 214 13.95 -5.96 -8.64
C LEU A 214 13.67 -6.05 -10.14
N SER A 215 14.72 -6.04 -10.96
CA SER A 215 14.53 -6.14 -12.40
C SER A 215 13.90 -7.48 -12.78
N ALA A 216 14.36 -8.57 -12.16
CA ALA A 216 13.80 -9.88 -12.47
C ALA A 216 12.33 -9.97 -12.08
N LEU A 217 11.97 -9.44 -10.91
CA LEU A 217 10.56 -9.46 -10.51
C LEU A 217 9.70 -8.61 -11.43
N ALA A 218 10.21 -7.43 -11.81
CA ALA A 218 9.46 -6.58 -12.74
C ALA A 218 9.24 -7.28 -14.07
N GLN A 219 10.26 -7.97 -14.57
CA GLN A 219 10.12 -8.70 -15.82
C GLN A 219 9.16 -9.86 -15.70
N PHE A 220 9.11 -10.49 -14.52
CA PHE A 220 8.20 -11.62 -14.32
C PHE A 220 6.74 -11.14 -14.27
N CYS A 221 6.47 -10.09 -13.51
CA CYS A 221 5.07 -9.69 -13.30
C CYS A 221 4.45 -9.11 -14.56
N PHE A 222 5.17 -8.26 -15.29
CA PHE A 222 4.63 -7.60 -16.47
C PHE A 222 4.61 -8.56 -17.65
N ALA A 223 3.67 -9.51 -17.57
CA ALA A 223 3.52 -10.53 -18.60
C ALA A 223 2.11 -11.11 -18.56
N HIS A 233 15.68 -13.32 -20.06
CA HIS A 233 14.31 -13.77 -19.82
C HIS A 233 14.28 -14.79 -18.68
N VAL A 234 13.14 -14.86 -18.00
CA VAL A 234 12.95 -15.78 -16.88
C VAL A 234 11.76 -16.67 -17.17
N ASN A 235 11.77 -17.86 -16.57
CA ASN A 235 10.68 -18.80 -16.74
C ASN A 235 9.43 -18.31 -16.01
N SER A 236 8.29 -18.88 -16.38
CA SER A 236 7.03 -18.53 -15.73
C SER A 236 6.94 -19.11 -14.33
N PHE A 237 7.85 -19.99 -13.93
CA PHE A 237 7.83 -20.63 -12.63
C PHE A 237 8.81 -19.99 -11.65
N TRP A 238 9.35 -18.82 -11.98
CA TRP A 238 10.46 -18.25 -11.21
C TRP A 238 10.06 -18.01 -9.76
N LEU A 239 8.91 -17.38 -9.54
CA LEU A 239 8.53 -16.97 -8.19
C LEU A 239 8.19 -18.16 -7.30
N TYR A 240 7.86 -19.31 -7.89
CA TYR A 240 7.37 -20.44 -7.12
C TYR A 240 8.44 -21.48 -6.82
N GLN A 241 9.54 -21.47 -7.57
CA GLN A 241 10.71 -22.30 -7.25
C GLN A 241 11.94 -21.40 -7.29
N LEU A 242 12.22 -20.74 -6.16
CA LEU A 242 13.42 -19.93 -6.02
C LEU A 242 14.60 -20.71 -5.44
N GLU A 243 14.34 -21.86 -4.84
CA GLU A 243 15.42 -22.62 -4.22
C GLU A 243 16.42 -23.14 -5.26
N ASP A 244 15.92 -23.56 -6.42
CA ASP A 244 16.77 -24.14 -7.45
C ASP A 244 16.97 -23.22 -8.65
N GLN A 245 16.71 -21.92 -8.48
CA GLN A 245 16.91 -20.98 -9.56
C GLN A 245 17.78 -19.81 -9.13
N LEU A 246 17.67 -19.41 -7.86
CA LEU A 246 18.50 -18.35 -7.33
C LEU A 246 19.94 -18.80 -7.23
N SER A 247 20.86 -17.90 -7.59
CA SER A 247 22.28 -18.19 -7.46
C SER A 247 22.70 -18.16 -5.99
N ASP A 248 23.79 -18.86 -5.69
CA ASP A 248 24.26 -18.94 -4.31
C ASP A 248 24.76 -17.59 -3.79
N GLU A 249 25.13 -16.68 -4.68
CA GLU A 249 25.55 -15.34 -4.23
C GLU A 249 24.37 -14.50 -3.81
N PHE A 250 23.20 -14.69 -4.42
CA PHE A 250 22.01 -13.93 -4.05
C PHE A 250 21.30 -14.52 -2.84
N LYS A 251 21.64 -15.73 -2.42
CA LYS A 251 21.09 -16.30 -1.20
C LYS A 251 21.74 -15.75 0.06
N GLU A 252 22.86 -15.04 -0.06
CA GLU A 252 23.54 -14.42 1.06
C GLU A 252 23.06 -13.02 1.35
N THR A 253 22.73 -12.24 0.31
CA THR A 253 22.28 -10.87 0.52
C THR A 253 21.01 -10.81 1.35
N LEU A 254 20.07 -11.71 1.06
CA LEU A 254 18.81 -11.72 1.81
C LEU A 254 19.04 -12.18 3.24
N SER A 255 19.98 -13.09 3.45
CA SER A 255 20.29 -13.55 4.80
C SER A 255 20.88 -12.44 5.65
N ILE A 256 21.78 -11.64 5.08
CA ILE A 256 22.42 -10.56 5.82
C ILE A 256 21.40 -9.51 6.24
N LEU A 257 20.50 -9.15 5.32
CA LEU A 257 19.49 -8.14 5.62
C LEU A 257 18.56 -8.61 6.74
N TRP A 258 18.16 -9.89 6.70
CA TRP A 258 17.24 -10.39 7.72
C TRP A 258 17.94 -10.63 9.05
N GLU A 259 19.23 -10.94 9.04
CA GLU A 259 19.95 -11.10 10.30
C GLU A 259 20.06 -9.78 11.04
N GLU A 260 20.05 -8.66 10.30
CA GLU A 260 20.13 -7.35 10.93
C GLU A 260 18.86 -7.05 11.72
N VAL A 261 17.70 -7.47 11.21
CA VAL A 261 16.44 -7.14 11.87
C VAL A 261 16.09 -8.16 12.94
N THR A 262 16.56 -9.40 12.81
CA THR A 262 16.24 -10.42 13.81
C THR A 262 16.87 -10.11 15.16
N GLU A 263 17.98 -9.38 15.19
CA GLU A 263 18.55 -8.95 16.45
C GLU A 263 17.78 -7.76 17.02
N ARG A 264 17.23 -6.91 16.15
CA ARG A 264 16.46 -5.76 16.59
C ARG A 264 15.16 -6.18 17.27
N ILE A 265 14.43 -7.10 16.64
CA ILE A 265 13.11 -7.47 17.15
C ILE A 265 13.20 -8.22 18.47
N ASP A 266 14.29 -8.97 18.68
CA ASP A 266 14.43 -9.71 19.93
C ASP A 266 14.52 -8.77 21.13
N SER A 267 15.35 -7.73 21.03
CA SER A 267 15.52 -6.81 22.15
C SER A 267 14.33 -5.87 22.29
N GLU A 268 13.59 -5.62 21.22
CA GLU A 268 12.50 -4.66 21.24
C GLU A 268 11.16 -5.27 21.62
N PHE A 269 10.98 -6.57 21.43
CA PHE A 269 9.71 -7.20 21.78
C PHE A 269 9.51 -7.26 23.29
N LEU A 270 10.59 -7.48 24.04
CA LEU A 270 10.50 -7.63 25.50
C LEU A 270 10.42 -6.27 26.18
N LYS A 271 9.48 -5.46 25.70
CA LYS A 271 9.29 -4.08 26.15
C LYS A 271 8.03 -3.56 25.48
N THR A 272 7.61 -2.36 25.92
CA THR A 272 6.47 -1.62 25.39
C THR A 272 5.17 -2.31 25.81
N ASN A 273 5.28 -3.50 26.40
CA ASN A 273 4.15 -4.17 27.02
C ASN A 273 4.58 -4.89 28.29
N THR A 274 5.61 -4.39 28.96
CA THR A 274 6.11 -5.02 30.17
C THR A 274 5.28 -4.57 31.37
N VAL A 275 3.96 -4.68 31.24
CA VAL A 275 3.04 -4.43 32.33
C VAL A 275 2.12 -5.64 32.46
N ASN A 276 1.53 -6.05 31.34
CA ASN A 276 0.62 -7.18 31.36
C ASN A 276 1.36 -8.50 31.53
N LEU A 277 2.55 -8.61 30.93
CA LEU A 277 3.24 -9.89 30.89
C LEU A 277 3.72 -10.31 32.27
N HIS A 278 4.10 -9.34 33.10
CA HIS A 278 4.48 -9.66 34.48
C HIS A 278 3.32 -10.26 35.25
N ILE A 279 2.12 -9.70 35.08
CA ILE A 279 0.96 -10.18 35.81
C ILE A 279 0.56 -11.57 35.34
N LEU A 280 0.71 -11.84 34.04
CA LEU A 280 0.33 -13.14 33.50
C LEU A 280 1.18 -14.26 34.11
N CYS A 281 2.49 -14.03 34.23
CA CYS A 281 3.36 -15.04 34.82
C CYS A 281 3.04 -15.25 36.30
N HIS A 282 2.63 -14.18 36.99
CA HIS A 282 2.24 -14.32 38.39
C HIS A 282 0.97 -15.15 38.54
N VAL A 283 0.05 -15.05 37.58
CA VAL A 283 -1.17 -15.85 37.64
C VAL A 283 -0.86 -17.33 37.43
N PHE A 284 0.10 -17.63 36.55
CA PHE A 284 0.48 -19.01 36.25
C PHE A 284 1.78 -19.37 36.97
N PRO A 285 1.71 -19.92 38.18
CA PRO A 285 2.94 -20.17 38.94
C PRO A 285 3.81 -21.28 38.35
N LYS A 286 3.22 -22.44 38.08
CA LYS A 286 3.99 -23.61 37.68
C LYS A 286 4.32 -23.59 36.19
N GLU A 287 4.91 -22.50 35.72
CA GLU A 287 5.33 -22.38 34.33
C GLU A 287 6.62 -21.57 34.28
N SER A 288 7.52 -21.98 33.39
CA SER A 288 8.84 -21.34 33.32
C SER A 288 8.72 -19.93 32.74
N LYS A 289 9.79 -19.16 32.91
CA LYS A 289 9.85 -17.83 32.32
C LYS A 289 9.82 -17.90 30.80
N GLU A 290 10.31 -19.00 30.23
CA GLU A 290 10.20 -19.20 28.78
C GLU A 290 8.75 -19.35 28.36
N THR A 291 7.97 -20.14 29.10
CA THR A 291 6.65 -20.55 28.64
C THR A 291 5.71 -19.35 28.47
N ILE A 292 5.70 -18.42 29.43
CA ILE A 292 4.81 -17.27 29.33
C ILE A 292 5.16 -16.42 28.12
N VAL A 293 6.46 -16.20 27.89
CA VAL A 293 6.88 -15.38 26.75
C VAL A 293 6.56 -16.08 25.44
N ARG A 294 6.82 -17.39 25.36
CA ARG A 294 6.50 -18.14 24.15
C ARG A 294 5.01 -18.08 23.82
N ALA A 295 4.16 -18.34 24.81
CA ALA A 295 2.72 -18.35 24.57
C ALA A 295 2.21 -16.97 24.19
N TYR A 296 2.73 -15.93 24.84
CA TYR A 296 2.24 -14.58 24.58
C TYR A 296 2.76 -14.06 23.25
N TYR A 297 3.97 -14.48 22.85
CA TYR A 297 4.46 -14.17 21.51
C TYR A 297 3.62 -14.86 20.45
N GLU A 298 3.19 -16.09 20.72
CA GLU A 298 2.30 -16.80 19.81
C GLU A 298 0.90 -16.20 19.78
N PHE A 299 0.62 -15.23 20.65
CA PHE A 299 -0.74 -14.73 20.79
C PHE A 299 -0.99 -13.49 19.93
N LEU A 300 -0.06 -12.52 19.95
CA LEU A 300 -0.26 -11.27 19.25
C LEU A 300 0.68 -11.04 18.09
N ILE A 301 1.91 -11.57 18.14
CA ILE A 301 2.85 -11.36 17.04
C ILE A 301 2.37 -12.09 15.79
N LYS A 302 2.27 -13.42 15.87
CA LYS A 302 1.60 -14.20 14.84
C LYS A 302 0.35 -14.82 15.46
N LYS A 303 -0.80 -14.56 14.87
CA LYS A 303 -2.08 -14.81 15.50
C LYS A 303 -2.37 -16.31 15.53
N SER A 304 -2.09 -16.95 16.66
CA SER A 304 -2.65 -18.27 16.94
C SER A 304 -4.08 -18.18 17.46
N PHE A 305 -4.53 -16.97 17.80
CA PHE A 305 -5.93 -16.76 18.16
C PHE A 305 -6.84 -16.85 16.93
N LYS A 306 -6.32 -16.45 15.77
CA LYS A 306 -7.16 -16.35 14.58
C LYS A 306 -7.67 -17.70 14.10
N ASN A 307 -6.84 -18.74 14.16
CA ASN A 307 -7.19 -20.02 13.54
C ASN A 307 -7.99 -20.93 14.46
N MET A 308 -9.07 -20.39 15.04
CA MET A 308 -10.11 -21.20 15.67
C MET A 308 -11.46 -20.73 15.20
N GLY A 309 -12.42 -21.66 15.13
CA GLY A 309 -13.76 -21.35 14.70
C GLY A 309 -14.62 -20.68 15.75
N PHE A 310 -14.13 -20.53 16.97
CA PHE A 310 -14.90 -19.88 18.03
C PHE A 310 -14.85 -18.36 17.85
N SER A 311 -15.78 -17.70 18.51
CA SER A 311 -15.83 -16.24 18.58
C SER A 311 -15.56 -15.86 20.03
N ILE A 312 -14.27 -15.73 20.37
CA ILE A 312 -13.89 -15.45 21.75
C ILE A 312 -14.35 -14.05 22.17
N LYS A 313 -14.31 -13.09 21.25
CA LYS A 313 -14.82 -11.76 21.56
C LYS A 313 -16.31 -11.81 21.90
N LYS A 314 -17.09 -12.57 21.12
CA LYS A 314 -18.49 -12.77 21.44
C LYS A 314 -18.65 -13.54 22.75
N LEU A 315 -17.80 -14.55 22.97
CA LEU A 315 -17.85 -15.32 24.20
C LEU A 315 -17.57 -14.43 25.41
N ARG A 316 -16.62 -13.50 25.27
CA ARG A 316 -16.35 -12.57 26.36
C ARG A 316 -17.56 -11.72 26.67
N GLU A 317 -18.27 -11.26 25.65
CA GLU A 317 -19.48 -10.47 25.87
C GLU A 317 -20.56 -11.27 26.57
N ILE A 318 -20.73 -12.54 26.18
CA ILE A 318 -21.76 -13.37 26.80
C ILE A 318 -21.41 -13.67 28.25
N MET A 319 -20.13 -13.91 28.54
CA MET A 319 -19.72 -14.06 29.93
C MET A 319 -19.96 -12.78 30.73
N LEU A 320 -19.72 -11.62 30.10
CA LEU A 320 -19.99 -10.35 30.76
C LEU A 320 -21.45 -10.21 31.16
N GLU A 321 -22.36 -10.95 30.52
CA GLU A 321 -23.76 -10.95 30.93
C GLU A 321 -23.98 -11.67 32.25
N GLN A 322 -22.99 -12.40 32.76
CA GLN A 322 -23.08 -13.10 34.03
C GLN A 322 -22.55 -12.22 35.15
N SER A 323 -23.17 -12.36 36.34
CA SER A 323 -22.81 -11.50 37.46
C SER A 323 -21.44 -11.86 38.03
N ASP A 324 -20.90 -13.03 37.65
CA ASP A 324 -19.62 -13.47 38.20
C ASP A 324 -18.49 -12.52 37.81
N LEU A 325 -18.44 -12.10 36.55
CA LEU A 325 -17.37 -11.24 36.07
C LEU A 325 -17.86 -9.94 35.44
N LYS A 326 -19.11 -9.54 35.68
CA LYS A 326 -19.55 -8.22 35.28
C LYS A 326 -19.32 -7.17 36.37
N SER A 327 -18.72 -7.56 37.49
CA SER A 327 -18.44 -6.64 38.58
C SER A 327 -17.25 -5.75 38.27
N PHE A 328 -16.74 -5.84 37.03
CA PHE A 328 -15.67 -4.98 36.56
C PHE A 328 -16.18 -3.86 35.66
N LYS A 329 -17.50 -3.64 35.62
CA LYS A 329 -18.11 -2.65 34.74
C LYS A 329 -18.21 -1.27 35.39
N GLU A 330 -17.40 -0.99 36.40
CA GLU A 330 -17.46 0.31 37.05
C GLU A 330 -16.93 1.41 36.12
N ASP A 331 -17.33 2.64 36.42
CA ASP A 331 -16.87 3.78 35.63
C ASP A 331 -15.37 4.00 35.79
N LYS A 332 -14.83 3.67 36.97
CA LYS A 332 -13.40 3.84 37.21
C LYS A 332 -12.54 2.91 36.35
N TYR A 333 -13.15 1.87 35.78
CA TYR A 333 -12.40 0.94 34.94
C TYR A 333 -11.98 1.56 33.61
N ASN A 334 -12.51 2.74 33.27
CA ASN A 334 -12.16 3.39 32.01
C ASN A 334 -10.69 3.78 31.93
N SER A 335 -9.98 3.83 33.05
CA SER A 335 -8.56 4.18 33.03
C SER A 335 -7.75 3.14 32.25
N VAL A 336 -8.19 1.88 32.27
CA VAL A 336 -7.51 0.84 31.50
C VAL A 336 -8.55 -0.06 30.84
N ARG A 337 -8.57 -0.04 29.51
CA ARG A 337 -9.52 -0.85 28.74
C ARG A 337 -8.82 -1.84 27.83
N ALA A 338 -7.88 -1.38 27.00
CA ALA A 338 -7.21 -2.27 26.06
C ALA A 338 -6.38 -3.33 26.78
N LYS A 339 -5.69 -2.94 27.85
CA LYS A 339 -4.88 -3.90 28.61
C LYS A 339 -5.72 -4.84 29.47
N LEU A 340 -7.04 -4.84 29.30
CA LEU A 340 -7.93 -5.79 29.97
C LEU A 340 -8.58 -6.76 29.00
N TYR A 341 -9.01 -6.26 27.83
CA TYR A 341 -9.61 -7.14 26.83
C TYR A 341 -8.60 -8.15 26.30
N LYS A 342 -7.37 -7.70 26.07
CA LYS A 342 -6.33 -8.61 25.59
C LYS A 342 -6.03 -9.69 26.61
N LEU A 343 -5.97 -9.32 27.89
CA LEU A 343 -5.63 -10.27 28.95
C LEU A 343 -6.65 -11.41 29.02
N PHE A 344 -7.93 -11.08 28.92
CA PHE A 344 -8.96 -12.10 28.97
C PHE A 344 -8.83 -13.06 27.78
N ASP A 345 -8.45 -12.53 26.61
CA ASP A 345 -8.31 -13.37 25.43
C ASP A 345 -7.19 -14.40 25.59
N PHE A 346 -6.03 -13.96 26.10
CA PHE A 346 -4.91 -14.89 26.26
C PHE A 346 -5.22 -15.97 27.28
N ILE A 347 -5.90 -15.60 28.37
CA ILE A 347 -6.32 -16.60 29.34
C ILE A 347 -7.25 -17.61 28.70
N ILE A 348 -8.12 -17.13 27.79
CA ILE A 348 -9.04 -18.02 27.11
C ILE A 348 -8.29 -18.95 26.16
N THR A 349 -7.35 -18.41 25.38
CA THR A 349 -6.70 -19.23 24.36
C THR A 349 -5.78 -20.28 24.97
N TYR A 350 -5.23 -20.02 26.16
CA TYR A 350 -4.45 -21.05 26.84
C TYR A 350 -5.35 -22.08 27.50
N TYR A 351 -6.55 -21.66 27.92
CA TYR A 351 -7.49 -22.61 28.52
C TYR A 351 -7.88 -23.70 27.54
N TYR A 352 -8.11 -23.33 26.27
CA TYR A 352 -8.37 -24.33 25.25
C TYR A 352 -7.13 -25.17 24.97
N ASP A 353 -5.94 -24.56 25.06
CA ASP A 353 -4.71 -25.28 24.75
C ASP A 353 -4.46 -26.39 25.76
N HIS A 354 -4.72 -26.14 27.05
CA HIS A 354 -4.50 -27.15 28.07
C HIS A 354 -5.58 -28.23 28.02
N HIS A 355 -6.84 -27.83 27.82
CA HIS A 355 -7.93 -28.79 27.79
C HIS A 355 -7.84 -29.69 26.55
N ALA A 356 -7.66 -29.08 25.38
CA ALA A 356 -7.50 -29.79 24.11
C ALA A 356 -8.73 -30.63 23.76
N PHE A 357 -9.02 -31.66 24.56
CA PHE A 357 -10.16 -32.51 24.29
C PHE A 357 -11.47 -31.73 24.41
N GLU A 358 -11.58 -30.85 25.40
CA GLU A 358 -12.78 -30.03 25.54
C GLU A 358 -12.95 -29.11 24.34
N LYS A 359 -11.85 -28.55 23.84
CA LYS A 359 -11.92 -27.76 22.60
C LYS A 359 -12.37 -28.62 21.43
N GLU A 360 -11.86 -29.86 21.36
CA GLU A 360 -12.26 -30.77 20.28
C GLU A 360 -13.75 -31.08 20.35
N ALA A 361 -14.27 -31.33 21.56
CA ALA A 361 -15.69 -31.63 21.70
C ALA A 361 -16.55 -30.44 21.32
N LEU A 362 -16.14 -29.23 21.69
CA LEU A 362 -16.90 -28.04 21.35
C LEU A 362 -16.95 -27.81 19.85
N VAL A 363 -15.85 -28.12 19.15
CA VAL A 363 -15.82 -27.96 17.70
C VAL A 363 -16.83 -28.90 17.05
N SER A 364 -16.87 -30.16 17.50
CA SER A 364 -17.83 -31.11 16.95
C SER A 364 -19.27 -30.69 17.24
N SER A 365 -19.53 -30.20 18.45
CA SER A 365 -20.87 -29.75 18.80
C SER A 365 -21.30 -28.56 17.94
N LEU A 366 -20.40 -27.61 17.73
CA LEU A 366 -20.73 -26.45 16.90
C LEU A 366 -20.95 -26.86 15.44
N ARG A 367 -20.12 -27.78 14.94
CA ARG A 367 -20.26 -28.20 13.54
C ARG A 367 -21.52 -29.02 13.32
N SER A 368 -22.03 -29.66 14.35
CA SER A 368 -23.24 -30.49 14.26
C SER A 368 -24.48 -29.74 14.72
N SER A 369 -24.46 -28.41 14.68
CA SER A 369 -25.61 -27.62 15.08
C SER A 369 -26.70 -27.67 14.03
N LEU A 370 -27.95 -27.54 14.49
CA LEU A 370 -29.11 -27.59 13.60
C LEU A 370 -29.53 -26.20 13.14
N THR A 371 -29.83 -25.32 14.08
CA THR A 371 -30.30 -23.96 13.78
C THR A 371 -29.45 -22.96 14.52
N GLU A 372 -29.78 -21.67 14.36
CA GLU A 372 -29.05 -20.62 15.04
C GLU A 372 -29.41 -20.56 16.52
N GLU A 373 -30.64 -20.94 16.88
CA GLU A 373 -31.03 -20.94 18.29
C GLU A 373 -30.20 -21.92 19.10
N ASN A 374 -29.92 -23.10 18.53
CA ASN A 374 -29.08 -24.08 19.21
C ASN A 374 -27.66 -23.55 19.40
N LYS A 375 -27.14 -22.84 18.41
CA LYS A 375 -25.81 -22.25 18.53
C LYS A 375 -25.76 -21.23 19.65
N GLU A 376 -26.79 -20.38 19.75
CA GLU A 376 -26.84 -19.37 20.81
C GLU A 376 -26.93 -20.02 22.19
N GLU A 377 -27.74 -21.06 22.32
CA GLU A 377 -27.88 -21.74 23.61
C GLU A 377 -26.56 -22.39 24.03
N ILE A 378 -25.89 -23.06 23.09
CA ILE A 378 -24.60 -23.68 23.40
C ILE A 378 -23.58 -22.62 23.79
N TYR A 379 -23.53 -21.51 23.05
CA TYR A 379 -22.61 -20.43 23.36
C TYR A 379 -22.90 -19.84 24.73
N ILE A 380 -24.18 -19.65 25.06
CA ILE A 380 -24.56 -19.17 26.39
C ILE A 380 -24.15 -20.19 27.45
N LYS A 381 -24.43 -21.46 27.20
CA LYS A 381 -24.01 -22.51 28.13
C LYS A 381 -22.49 -22.58 28.23
N THR A 382 -21.79 -22.47 27.09
CA THR A 382 -20.34 -22.49 27.11
C THR A 382 -19.78 -21.30 27.87
N ALA A 383 -20.38 -20.11 27.68
CA ALA A 383 -19.90 -18.93 28.38
C ALA A 383 -20.15 -19.03 29.88
N ARG A 384 -21.32 -19.52 30.27
CA ARG A 384 -21.65 -19.56 31.69
C ARG A 384 -20.84 -20.62 32.44
N THR A 385 -20.51 -21.74 31.78
CA THR A 385 -19.69 -22.75 32.45
C THR A 385 -18.23 -22.32 32.53
N LEU A 386 -17.78 -21.48 31.58
CA LEU A 386 -16.43 -20.94 31.67
C LEU A 386 -16.30 -19.99 32.86
N ALA A 387 -17.33 -19.17 33.10
CA ALA A 387 -17.31 -18.28 34.26
C ALA A 387 -17.27 -19.08 35.56
N SER A 388 -18.05 -20.16 35.63
CA SER A 388 -18.01 -21.01 36.81
C SER A 388 -16.74 -21.83 36.89
N ALA A 389 -16.01 -21.97 35.78
CA ALA A 389 -14.79 -22.76 35.78
C ALA A 389 -13.61 -21.99 36.36
N LEU A 390 -13.31 -20.81 35.81
CA LEU A 390 -12.15 -20.02 36.21
C LEU A 390 -12.55 -18.58 36.51
N GLY A 391 -13.71 -18.39 37.14
CA GLY A 391 -14.12 -17.05 37.54
C GLY A 391 -13.16 -16.40 38.53
N ALA A 392 -12.63 -17.21 39.46
CA ALA A 392 -11.63 -16.71 40.38
C ALA A 392 -10.38 -16.26 39.66
N ASP A 393 -9.95 -17.04 38.66
CA ASP A 393 -8.78 -16.65 37.87
C ASP A 393 -9.01 -15.32 37.16
N PHE A 394 -10.22 -15.13 36.62
CA PHE A 394 -10.54 -13.87 35.96
C PHE A 394 -10.48 -12.70 36.93
N LYS A 395 -11.01 -12.89 38.14
CA LYS A 395 -11.00 -11.82 39.14
C LYS A 395 -9.57 -11.47 39.56
N LYS A 396 -8.71 -12.48 39.71
CA LYS A 396 -7.36 -12.24 40.20
C LYS A 396 -6.57 -11.36 39.25
N ALA A 397 -6.66 -11.62 37.95
CA ALA A 397 -5.89 -10.85 36.98
C ALA A 397 -6.40 -9.42 36.87
N ALA A 398 -7.72 -9.24 36.87
CA ALA A 398 -8.30 -7.92 36.67
C ALA A 398 -8.20 -7.03 37.90
N ALA A 399 -7.90 -7.60 39.07
CA ALA A 399 -7.79 -6.81 40.28
C ALA A 399 -6.39 -6.29 40.53
N ASP A 400 -5.42 -6.67 39.71
CA ASP A 400 -4.03 -6.27 39.90
C ASP A 400 -3.67 -5.01 39.11
N VAL A 401 -4.57 -4.51 38.27
CA VAL A 401 -4.26 -3.36 37.42
C VAL A 401 -4.66 -2.08 38.14
N ASN A 402 -3.71 -1.15 38.23
CA ASN A 402 -3.92 0.16 38.83
C ASN A 402 -2.72 1.02 38.50
N ALA A 403 -2.78 2.29 38.90
CA ALA A 403 -1.71 3.23 38.58
C ALA A 403 -0.40 2.83 39.25
N LYS A 404 -0.47 2.38 40.51
CA LYS A 404 0.75 2.11 41.26
C LYS A 404 1.53 0.93 40.67
N ASN A 405 0.85 -0.18 40.41
CA ASN A 405 1.54 -1.37 39.90
C ASN A 405 2.06 -1.15 38.49
N ILE A 406 1.29 -0.43 37.66
CA ILE A 406 1.73 -0.18 36.29
C ILE A 406 3.02 0.64 36.28
N ARG A 407 3.06 1.69 37.09
CA ARG A 407 4.27 2.50 37.20
C ARG A 407 5.42 1.69 37.80
N ASP A 408 5.11 0.88 38.83
CA ASP A 408 6.15 0.08 39.46
C ASP A 408 6.72 -0.95 38.50
N TYR A 409 5.85 -1.61 37.72
CA TYR A 409 6.33 -2.60 36.75
C TYR A 409 7.10 -1.95 35.62
N GLN A 410 6.69 -0.74 35.20
CA GLN A 410 7.41 -0.04 34.15
C GLN A 410 8.81 0.37 34.59
N LYS A 411 9.00 0.64 35.89
CA LYS A 411 10.33 0.98 36.39
C LYS A 411 11.28 -0.20 36.22
N LYS A 412 10.83 -1.41 36.52
CA LYS A 412 11.64 -2.62 36.37
C LYS A 412 11.19 -3.34 35.09
N ALA A 413 11.74 -2.88 33.96
CA ALA A 413 11.40 -3.41 32.65
C ALA A 413 12.45 -4.39 32.13
N ASN A 414 13.39 -4.81 32.97
CA ASN A 414 14.45 -5.73 32.56
C ASN A 414 14.57 -6.88 33.56
N ASP A 415 13.43 -7.34 34.08
CA ASP A 415 13.41 -8.45 35.01
C ASP A 415 13.26 -9.80 34.33
N TYR A 416 13.02 -9.82 33.02
CA TYR A 416 12.86 -11.06 32.26
C TYR A 416 13.90 -11.12 31.16
N ARG A 417 14.55 -12.29 31.03
CA ARG A 417 15.63 -12.48 30.07
C ARG A 417 15.36 -13.79 29.33
N ILE A 418 14.64 -13.69 28.21
CA ILE A 418 14.33 -14.83 27.36
C ILE A 418 14.76 -14.49 25.94
N SER A 419 15.61 -15.33 25.36
CA SER A 419 16.14 -15.07 24.03
C SER A 419 15.28 -15.66 22.92
N PHE A 420 14.83 -16.91 23.10
CA PHE A 420 14.07 -17.68 22.10
C PHE A 420 14.61 -17.45 20.68
N GLU A 421 15.93 -17.59 20.54
CA GLU A 421 16.54 -17.42 19.24
C GLU A 421 16.23 -18.58 18.30
N ASP A 422 16.07 -19.79 18.84
CA ASP A 422 15.86 -20.96 17.99
C ASP A 422 14.53 -20.88 17.24
N ILE A 423 13.47 -20.43 17.90
CA ILE A 423 12.15 -20.41 17.27
C ILE A 423 12.11 -19.41 16.11
N LYS A 424 12.81 -18.29 16.26
CA LYS A 424 12.59 -17.16 15.37
C LYS A 424 13.13 -17.45 13.97
N ILE A 425 12.40 -16.94 12.98
CA ILE A 425 12.75 -17.15 11.58
C ILE A 425 14.05 -16.48 11.18
N GLY A 426 14.61 -15.62 12.03
CA GLY A 426 15.94 -15.10 11.77
C GLY A 426 17.00 -16.19 11.77
N ASN A 427 16.91 -17.11 12.73
CA ASN A 427 17.77 -18.29 12.76
C ASN A 427 17.14 -19.51 12.11
N THR A 428 15.81 -19.60 12.14
CA THR A 428 15.10 -20.67 11.45
C THR A 428 15.19 -20.45 9.94
N GLY A 429 15.04 -21.53 9.19
CA GLY A 429 15.18 -21.48 7.75
C GLY A 429 14.03 -20.76 7.07
N ILE A 430 13.98 -19.44 7.24
CA ILE A 430 12.92 -18.64 6.62
C ILE A 430 12.93 -18.84 5.11
N GLY A 431 11.73 -18.86 4.54
CA GLY A 431 11.60 -19.12 3.12
C GLY A 431 12.18 -18.01 2.27
N TYR A 432 12.57 -18.39 1.05
CA TYR A 432 13.13 -17.45 0.10
C TYR A 432 12.08 -16.48 -0.46
N PHE A 433 10.80 -16.76 -0.29
CA PHE A 433 9.73 -15.90 -0.77
C PHE A 433 9.40 -14.78 0.20
N SER A 434 9.39 -15.06 1.51
CA SER A 434 9.08 -14.03 2.49
C SER A 434 10.22 -13.02 2.63
N GLU A 435 11.46 -13.46 2.40
CA GLU A 435 12.58 -12.53 2.43
C GLU A 435 12.49 -11.51 1.30
N LEU A 436 11.97 -11.93 0.14
CA LEU A 436 11.83 -11.02 -0.97
C LEU A 436 10.82 -9.92 -0.66
N ILE A 437 9.73 -10.27 0.04
CA ILE A 437 8.73 -9.28 0.41
C ILE A 437 9.32 -8.25 1.37
N TYR A 438 10.17 -8.70 2.29
CA TYR A 438 10.84 -7.78 3.20
C TYR A 438 11.75 -6.82 2.43
N MET A 439 12.39 -7.30 1.38
CA MET A 439 13.21 -6.43 0.54
C MET A 439 12.38 -5.34 -0.12
N LEU A 440 11.16 -5.68 -0.56
CA LEU A 440 10.28 -4.68 -1.14
C LEU A 440 9.83 -3.67 -0.10
N THR A 441 9.71 -4.09 1.16
CA THR A 441 9.25 -3.21 2.22
C THR A 441 10.22 -2.05 2.45
N LEU A 442 11.52 -2.30 2.28
CA LEU A 442 12.51 -1.26 2.54
C LEU A 442 12.42 -0.10 1.55
N LEU A 443 11.69 -0.27 0.44
CA LEU A 443 11.55 0.76 -0.57
C LEU A 443 10.14 1.33 -0.61
N LEU A 444 9.44 1.31 0.52
CA LEU A 444 8.08 1.82 0.60
C LEU A 444 7.90 2.53 1.95
N ASP A 445 6.77 3.20 2.11
CA ASP A 445 6.45 3.95 3.32
C ASP A 445 5.36 3.23 4.10
N GLY A 446 4.93 3.86 5.20
CA GLY A 446 4.03 3.19 6.12
C GLY A 446 2.70 2.82 5.51
N LYS A 447 2.11 3.74 4.74
CA LYS A 447 0.80 3.50 4.16
C LYS A 447 0.82 2.37 3.14
N GLU A 448 1.85 2.33 2.29
CA GLU A 448 1.90 1.34 1.24
C GLU A 448 2.16 -0.06 1.79
N ILE A 449 2.88 -0.15 2.91
CA ILE A 449 3.18 -1.46 3.48
C ILE A 449 1.90 -2.14 3.97
N ASN A 450 1.00 -1.37 4.58
CA ASN A 450 -0.25 -1.94 5.07
C ASN A 450 -1.08 -2.50 3.92
N ASP A 451 -1.17 -1.76 2.82
CA ASP A 451 -1.98 -2.21 1.69
C ASP A 451 -1.42 -3.49 1.08
N LEU A 452 -0.10 -3.58 0.95
CA LEU A 452 0.51 -4.75 0.32
C LEU A 452 0.34 -5.99 1.18
N LEU A 453 0.67 -5.89 2.48
CA LEU A 453 0.71 -7.08 3.31
C LEU A 453 -0.70 -7.55 3.68
N THR A 454 -1.62 -6.62 3.94
CA THR A 454 -2.96 -7.03 4.35
C THR A 454 -3.67 -7.80 3.23
N THR A 455 -3.50 -7.35 1.98
CA THR A 455 -4.07 -8.09 0.86
C THR A 455 -3.50 -9.51 0.78
N LEU A 456 -2.18 -9.64 0.95
CA LEU A 456 -1.56 -10.94 0.79
C LEU A 456 -1.97 -11.91 1.90
N ILE A 457 -2.17 -11.40 3.12
CA ILE A 457 -2.63 -12.26 4.21
C ILE A 457 -4.01 -12.82 3.92
N ASN A 458 -4.90 -11.98 3.39
CA ASN A 458 -6.24 -12.44 3.04
C ASN A 458 -6.18 -13.49 1.94
N LYS A 459 -5.29 -13.31 0.96
CA LYS A 459 -5.19 -14.27 -0.14
C LYS A 459 -4.76 -15.64 0.37
N PHE A 460 -3.75 -15.68 1.24
CA PHE A 460 -3.22 -16.96 1.70
C PHE A 460 -4.15 -17.63 2.69
N ASP A 461 -4.92 -16.84 3.44
CA ASP A 461 -5.91 -17.42 4.34
C ASP A 461 -6.98 -18.17 3.57
N ASN A 462 -7.44 -17.62 2.46
CA ASN A 462 -8.51 -18.26 1.69
C ASN A 462 -8.00 -19.47 0.94
N ILE A 463 -6.74 -19.46 0.52
CA ILE A 463 -6.18 -20.61 -0.20
C ILE A 463 -6.16 -21.83 0.70
N ILE A 464 -5.73 -21.66 1.95
CA ILE A 464 -5.63 -22.78 2.87
C ILE A 464 -7.01 -23.37 3.14
N SER A 465 -8.02 -22.51 3.29
CA SER A 465 -9.37 -22.98 3.60
C SER A 465 -9.92 -23.86 2.47
N PHE A 466 -9.65 -23.47 1.21
CA PHE A 466 -10.17 -24.25 0.09
C PHE A 466 -9.56 -25.63 0.03
N ILE A 467 -8.28 -25.75 0.37
CA ILE A 467 -7.63 -27.06 0.37
C ILE A 467 -8.27 -27.97 1.42
N ASP A 468 -8.69 -27.38 2.54
CA ASP A 468 -9.35 -28.16 3.58
C ASP A 468 -10.67 -28.75 3.05
N ILE A 469 -11.44 -27.96 2.29
CA ILE A 469 -12.71 -28.43 1.76
C ILE A 469 -12.49 -29.59 0.79
N LEU A 470 -11.48 -29.47 -0.07
CA LEU A 470 -11.19 -30.56 -1.00
C LEU A 470 -10.79 -31.83 -0.27
N LYS A 471 -9.96 -31.69 0.77
CA LYS A 471 -9.55 -32.86 1.55
C LYS A 471 -10.72 -33.47 2.31
N LYS A 472 -11.58 -32.63 2.88
CA LYS A 472 -12.69 -33.14 3.68
C LYS A 472 -13.69 -33.89 2.82
N LEU A 473 -13.95 -33.41 1.60
CA LEU A 473 -14.91 -34.03 0.70
C LEU A 473 -14.31 -35.16 -0.13
N ASN A 474 -13.04 -35.49 0.10
CA ASN A 474 -12.33 -36.57 -0.59
C ASN A 474 -12.34 -36.28 -2.10
N LEU A 475 -11.60 -35.24 -2.45
CA LEU A 475 -11.39 -34.83 -3.83
C LEU A 475 -9.90 -34.56 -4.04
N GLU A 476 -9.47 -34.66 -5.29
CA GLU A 476 -8.06 -34.45 -5.61
C GLU A 476 -7.66 -33.02 -5.32
N PHE A 477 -6.46 -32.86 -4.75
CA PHE A 477 -5.94 -31.54 -4.41
C PHE A 477 -4.50 -31.31 -4.84
N LYS A 478 -3.78 -32.34 -5.26
CA LYS A 478 -2.38 -32.18 -5.62
C LYS A 478 -2.24 -31.35 -6.90
N PHE A 479 -1.21 -30.52 -6.94
CA PHE A 479 -0.94 -29.67 -8.09
C PHE A 479 0.00 -30.38 -9.06
N LYS A 480 0.34 -29.69 -10.14
CA LYS A 480 1.31 -30.21 -11.08
C LYS A 480 2.69 -30.26 -10.41
N PRO A 481 3.57 -31.16 -10.87
CA PRO A 481 4.93 -31.21 -10.31
C PRO A 481 5.63 -29.87 -10.20
N GLU A 482 5.31 -28.91 -11.07
CA GLU A 482 6.00 -27.62 -11.02
C GLU A 482 5.52 -26.77 -9.84
N TYR A 483 4.22 -26.78 -9.57
CA TYR A 483 3.65 -26.00 -8.48
C TYR A 483 3.51 -26.79 -7.19
N ALA A 484 3.89 -28.07 -7.18
CA ALA A 484 3.68 -28.91 -6.01
C ALA A 484 4.58 -28.53 -4.85
N ASP A 485 5.80 -28.06 -5.14
CA ASP A 485 6.75 -27.74 -4.08
C ASP A 485 6.26 -26.58 -3.22
N PHE A 486 5.71 -25.53 -3.84
CA PHE A 486 5.27 -24.35 -3.11
C PHE A 486 3.84 -24.49 -2.61
N PHE A 487 2.92 -24.93 -3.46
CA PHE A 487 1.50 -24.94 -3.14
C PHE A 487 1.12 -26.26 -2.50
N ASN A 488 1.41 -26.39 -1.21
CA ASN A 488 0.85 -27.47 -0.40
C ASN A 488 0.44 -26.89 0.95
N MET A 489 -0.19 -27.74 1.76
CA MET A 489 -0.88 -27.25 2.95
C MET A 489 0.12 -26.77 4.01
N THR A 490 1.18 -27.53 4.24
CA THR A 490 2.14 -27.16 5.29
C THR A 490 2.89 -25.89 4.94
N ASN A 491 3.35 -25.76 3.69
CA ASN A 491 4.12 -24.58 3.30
C ASN A 491 3.27 -23.32 3.34
N CYS A 492 2.01 -23.42 2.90
CA CYS A 492 1.14 -22.26 2.90
C CYS A 492 0.86 -21.76 4.31
N ARG A 493 0.88 -22.65 5.30
CA ARG A 493 0.82 -22.20 6.68
C ARG A 493 2.06 -21.40 7.06
N TYR A 494 3.25 -21.97 6.82
CA TYR A 494 4.49 -21.32 7.25
C TYR A 494 4.65 -19.95 6.61
N THR A 495 4.25 -19.83 5.34
CA THR A 495 4.42 -18.57 4.63
C THR A 495 3.45 -17.50 5.13
N LEU A 496 2.46 -17.89 5.94
CA LEU A 496 1.50 -16.90 6.42
C LEU A 496 2.01 -16.17 7.64
N GLU A 497 2.49 -16.91 8.65
CA GLU A 497 3.00 -16.26 9.86
C GLU A 497 4.24 -15.43 9.55
N GLU A 498 5.00 -15.81 8.53
CA GLU A 498 6.14 -15.00 8.11
C GLU A 498 5.67 -13.66 7.56
N LEU A 499 4.52 -13.64 6.88
CA LEU A 499 3.97 -12.38 6.41
C LEU A 499 3.35 -11.58 7.55
N ARG A 500 2.89 -12.26 8.59
CA ARG A 500 2.32 -11.57 9.75
C ARG A 500 3.40 -10.88 10.57
N VAL A 501 4.52 -11.57 10.81
CA VAL A 501 5.59 -11.00 11.63
C VAL A 501 6.26 -9.82 10.93
N ILE A 502 6.31 -9.83 9.59
CA ILE A 502 6.86 -8.70 8.86
C ILE A 502 6.01 -7.46 9.08
N ASN A 503 4.69 -7.61 9.02
CA ASN A 503 3.80 -6.46 9.18
C ASN A 503 3.90 -5.86 10.57
N SER A 504 4.24 -6.67 11.57
CA SER A 504 4.31 -6.22 12.96
C SER A 504 5.75 -5.85 13.31
N ILE A 505 6.25 -4.84 12.61
CA ILE A 505 7.55 -4.23 12.90
C ILE A 505 7.35 -2.73 13.06
N ALA A 506 7.84 -2.18 14.17
CA ALA A 506 7.76 -0.75 14.42
C ALA A 506 8.84 -0.03 13.64
N ARG A 507 8.43 0.98 12.88
CA ARG A 507 9.34 1.74 12.03
C ARG A 507 9.22 3.22 12.36
N MET A 508 10.37 3.88 12.53
CA MET A 508 10.40 5.32 12.79
C MET A 508 10.80 6.13 11.55
N GLN A 509 11.69 5.59 10.72
CA GLN A 509 12.10 6.22 9.47
C GLN A 509 12.57 7.66 9.70
N LYS A 510 13.46 7.84 10.68
CA LYS A 510 14.03 9.15 10.93
C LYS A 510 14.91 9.57 9.76
N PRO A 511 14.99 10.87 9.49
CA PRO A 511 15.77 11.32 8.32
C PRO A 511 17.28 11.33 8.56
N SER A 512 17.80 10.25 9.14
CA SER A 512 19.24 10.03 9.30
C SER A 512 19.96 11.21 9.95
N ALA A 513 21.26 11.32 9.69
CA ALA A 513 22.06 12.45 10.17
C ALA A 513 22.96 13.05 9.10
N ASP A 514 23.28 12.31 8.04
CA ASP A 514 24.05 12.82 6.91
C ASP A 514 23.14 13.31 5.80
N ALA A 515 22.02 12.65 5.56
CA ALA A 515 21.07 13.01 4.52
C ALA A 515 20.37 14.33 4.78
N ARG A 516 20.43 14.87 6.00
CA ARG A 516 19.77 16.12 6.30
C ARG A 516 20.41 17.32 5.60
N LYS A 517 21.69 17.24 5.25
CA LYS A 517 22.33 18.35 4.55
C LYS A 517 21.74 18.54 3.16
N ILE A 518 21.49 17.45 2.45
CA ILE A 518 20.88 17.56 1.12
C ILE A 518 19.45 18.05 1.23
N MET A 519 18.75 17.64 2.27
CA MET A 519 17.32 17.96 2.39
C MET A 519 17.09 19.45 2.61
N TYR A 520 18.07 20.15 3.20
CA TYR A 520 17.94 21.60 3.36
C TYR A 520 17.90 22.29 2.00
N ARG A 521 18.71 21.80 1.05
CA ARG A 521 18.74 22.40 -0.28
C ARG A 521 17.39 22.28 -0.97
N ASP A 522 16.74 21.11 -0.85
CA ASP A 522 15.48 20.89 -1.53
C ASP A 522 14.32 21.59 -0.82
N ALA A 523 14.38 21.69 0.51
CA ALA A 523 13.28 22.29 1.26
C ALA A 523 13.11 23.75 0.90
N LEU A 524 14.20 24.48 0.70
CA LEU A 524 14.10 25.87 0.28
C LEU A 524 13.69 26.00 -1.19
N ARG A 525 13.83 24.94 -1.98
CA ARG A 525 13.46 25.01 -3.39
C ARG A 525 11.95 24.95 -3.58
N ILE A 526 11.26 24.18 -2.75
CA ILE A 526 9.81 24.16 -2.77
C ILE A 526 9.26 25.54 -2.43
N LEU A 527 9.85 26.18 -1.42
CA LEU A 527 9.42 27.50 -0.95
C LEU A 527 10.32 28.57 -1.56
N GLY A 528 10.14 28.80 -2.86
CA GLY A 528 10.90 29.80 -3.57
C GLY A 528 12.18 29.26 -4.19
N MET A 529 12.84 30.15 -4.93
CA MET A 529 14.01 29.85 -5.78
C MET A 529 13.93 28.46 -6.40
N ASP A 530 12.85 28.25 -7.13
CA ASP A 530 12.70 27.10 -7.99
C ASP A 530 13.46 27.30 -9.30
N ASN A 531 14.23 26.28 -9.69
CA ASN A 531 15.02 26.29 -10.92
C ASN A 531 16.02 27.45 -10.93
N ARG A 532 16.97 27.38 -10.00
CA ARG A 532 18.06 28.34 -9.90
C ARG A 532 19.35 27.57 -9.62
N PRO A 533 20.50 28.16 -9.95
CA PRO A 533 21.76 27.45 -9.74
C PRO A 533 22.04 27.21 -8.26
N ASP A 534 22.84 26.17 -7.99
CA ASP A 534 23.13 25.78 -6.62
C ASP A 534 23.98 26.80 -5.88
N GLU A 535 24.63 27.71 -6.59
CA GLU A 535 25.43 28.75 -5.93
C GLU A 535 24.55 29.65 -5.07
N GLU A 536 23.40 30.05 -5.59
CA GLU A 536 22.52 30.96 -4.85
C GLU A 536 21.87 30.24 -3.68
N ILE A 537 21.65 28.94 -3.77
CA ILE A 537 21.05 28.18 -2.68
C ILE A 537 21.95 28.24 -1.46
N ASP A 538 23.25 28.02 -1.65
CA ASP A 538 24.19 27.98 -0.54
C ASP A 538 24.29 29.33 0.15
N ARG A 539 24.32 30.42 -0.63
CA ARG A 539 24.49 31.75 -0.05
C ARG A 539 23.32 32.09 0.87
N GLU A 540 22.10 31.75 0.47
CA GLU A 540 20.94 32.03 1.32
C GLU A 540 20.99 31.20 2.59
N LEU A 541 21.49 29.96 2.50
CA LEU A 541 21.66 29.16 3.71
C LEU A 541 22.68 29.80 4.63
N GLU A 542 23.79 30.29 4.08
CA GLU A 542 24.80 30.95 4.90
C GLU A 542 24.28 32.26 5.48
N ARG A 543 23.51 33.02 4.69
CA ARG A 543 23.07 34.34 5.14
C ARG A 543 22.08 34.25 6.28
N THR A 544 21.12 33.33 6.21
CA THR A 544 20.06 33.28 7.20
C THR A 544 20.59 32.76 8.53
N MET A 545 21.01 31.50 8.56
CA MET A 545 21.54 30.88 9.77
C MET A 545 23.05 30.71 9.64
N PRO A 546 23.84 31.42 10.42
CA PRO A 546 25.28 31.49 10.19
C PRO A 546 25.99 30.28 10.80
N VAL A 547 27.30 30.25 10.62
CA VAL A 547 28.16 29.23 11.20
C VAL A 547 29.19 29.82 12.16
N GLY A 548 29.83 30.91 11.78
CA GLY A 548 30.77 31.58 12.68
C GLY A 548 32.18 31.03 12.52
N ALA A 549 32.81 30.70 13.65
CA ALA A 549 34.19 30.25 13.68
C ALA A 549 34.26 28.78 14.08
N ASP A 550 35.27 28.09 13.53
CA ASP A 550 35.53 26.69 13.81
C ASP A 550 34.36 25.80 13.40
N GLY A 551 33.59 26.24 12.41
CA GLY A 551 32.47 25.45 11.94
C GLY A 551 31.42 25.16 12.99
N LYS A 552 31.23 26.08 13.94
CA LYS A 552 30.29 25.87 15.02
C LYS A 552 28.91 26.41 14.61
N PHE A 553 28.00 26.48 15.57
CA PHE A 553 26.68 27.06 15.37
C PHE A 553 26.50 28.17 16.39
N ILE A 554 26.13 29.36 15.91
CA ILE A 554 26.08 30.52 16.78
C ILE A 554 24.91 30.38 17.74
N LYS A 555 25.22 30.28 19.03
CA LYS A 555 24.20 30.07 20.06
C LYS A 555 23.38 31.34 20.28
N GLY A 556 22.10 31.16 20.57
CA GLY A 556 21.22 32.26 20.87
C GLY A 556 20.70 33.02 19.68
N LYS A 557 21.04 32.61 18.46
CA LYS A 557 20.61 33.32 17.26
C LYS A 557 20.21 32.36 16.15
N GLN A 558 19.53 31.27 16.49
CA GLN A 558 19.16 30.25 15.51
C GLN A 558 17.77 29.71 15.84
N GLY A 559 16.78 30.07 15.04
CA GLY A 559 15.44 29.55 15.18
C GLY A 559 14.83 29.11 13.87
N PHE A 560 15.46 29.48 12.76
CA PHE A 560 14.97 29.06 11.45
C PHE A 560 15.25 27.59 11.20
N ARG A 561 16.42 27.10 11.62
CA ARG A 561 16.76 25.70 11.41
C ARG A 561 15.83 24.77 12.18
N ASN A 562 15.53 25.11 13.44
CA ASN A 562 14.65 24.27 14.23
C ASN A 562 13.24 24.25 13.66
N PHE A 563 12.84 25.35 13.01
CA PHE A 563 11.52 25.37 12.39
C PHE A 563 11.47 24.47 11.16
N ILE A 564 12.48 24.57 10.30
CA ILE A 564 12.50 23.75 9.09
C ILE A 564 12.71 22.28 9.45
N ALA A 565 13.59 21.99 10.40
CA ALA A 565 13.91 20.61 10.72
C ALA A 565 12.73 19.87 11.34
N SER A 566 11.99 20.54 12.23
CA SER A 566 10.91 19.89 12.95
C SER A 566 9.55 20.03 12.27
N ASN A 567 9.48 20.71 11.12
CA ASN A 567 8.21 20.88 10.43
C ASN A 567 8.27 20.62 8.93
N VAL A 568 9.45 20.44 8.35
CA VAL A 568 9.56 20.15 6.92
C VAL A 568 10.38 18.88 6.70
N ILE A 569 11.58 18.83 7.27
CA ILE A 569 12.50 17.71 7.03
C ILE A 569 11.93 16.42 7.61
N GLU A 570 11.39 16.48 8.83
CA GLU A 570 10.91 15.31 9.54
C GLU A 570 9.42 15.06 9.34
N SER A 571 8.87 15.41 8.18
CA SER A 571 7.45 15.23 7.89
C SER A 571 7.26 14.15 6.84
N SER A 572 6.21 13.34 7.04
CA SER A 572 5.94 12.24 6.11
C SER A 572 5.45 12.76 4.76
N ARG A 573 4.74 13.88 4.74
CA ARG A 573 4.29 14.46 3.47
C ARG A 573 5.48 14.87 2.60
N PHE A 574 6.51 15.46 3.22
CA PHE A 574 7.64 15.97 2.44
C PHE A 574 8.38 14.85 1.71
N HIS A 575 8.56 13.71 2.38
N HIS A 575 8.55 13.70 2.38
CA HIS A 575 9.26 12.59 1.76
CA HIS A 575 9.26 12.60 1.76
C HIS A 575 8.50 12.07 0.55
C HIS A 575 8.50 12.05 0.55
N TYR A 576 7.16 12.07 0.61
CA TYR A 576 6.37 11.62 -0.53
C TYR A 576 6.61 12.48 -1.75
N LEU A 577 6.71 13.80 -1.56
CA LEU A 577 6.91 14.70 -2.69
C LEU A 577 8.28 14.51 -3.32
N VAL A 578 9.32 14.37 -2.50
CA VAL A 578 10.68 14.27 -3.03
C VAL A 578 10.87 12.98 -3.82
N ARG A 579 10.21 11.90 -3.38
CA ARG A 579 10.35 10.62 -4.06
C ARG A 579 9.64 10.63 -5.40
N TYR A 580 8.41 11.16 -5.45
CA TYR A 580 7.56 11.06 -6.64
C TYR A 580 7.56 12.31 -7.52
N ASN A 581 7.93 13.47 -6.98
CA ASN A 581 7.87 14.72 -7.73
C ASN A 581 9.22 15.40 -7.70
N ASN A 582 9.45 16.26 -8.69
CA ASN A 582 10.69 17.01 -8.78
C ASN A 582 10.55 18.31 -8.00
N PRO A 583 11.38 18.57 -6.99
CA PRO A 583 11.25 19.82 -6.23
C PRO A 583 11.55 21.07 -7.05
N HIS A 584 12.22 20.94 -8.19
CA HIS A 584 12.46 22.10 -9.04
C HIS A 584 11.15 22.68 -9.56
N LYS A 585 10.21 21.82 -9.97
CA LYS A 585 9.01 22.25 -10.66
C LYS A 585 7.74 21.89 -9.90
N THR A 586 7.84 21.70 -8.59
CA THR A 586 6.67 21.35 -7.78
C THR A 586 5.81 22.55 -7.42
N ARG A 587 6.31 23.78 -7.61
CA ARG A 587 5.61 24.96 -7.15
C ARG A 587 4.37 25.27 -7.99
N THR A 588 4.31 24.79 -9.23
CA THR A 588 3.21 25.12 -10.12
C THR A 588 1.90 24.47 -9.73
N LEU A 589 1.90 23.54 -8.76
CA LEU A 589 0.69 22.81 -8.42
C LEU A 589 -0.35 23.67 -7.70
N VAL A 590 0.06 24.78 -7.09
CA VAL A 590 -0.84 25.61 -6.30
C VAL A 590 -1.07 26.96 -6.94
N LYS A 591 -0.72 27.12 -8.21
CA LYS A 591 -0.88 28.41 -8.89
C LYS A 591 -2.25 28.57 -9.54
N ASN A 592 -2.97 27.47 -9.78
CA ASN A 592 -4.26 27.53 -10.46
C ASN A 592 -5.37 27.54 -9.43
N PRO A 593 -6.21 28.57 -9.38
CA PRO A 593 -7.27 28.61 -8.36
C PRO A 593 -8.26 27.47 -8.44
N ASN A 594 -8.58 26.99 -9.65
CA ASN A 594 -9.58 25.93 -9.79
C ASN A 594 -9.11 24.63 -9.14
N VAL A 595 -7.82 24.29 -9.29
CA VAL A 595 -7.29 23.09 -8.66
C VAL A 595 -7.23 23.25 -7.15
N VAL A 596 -6.83 24.44 -6.68
CA VAL A 596 -6.70 24.67 -5.24
C VAL A 596 -8.08 24.60 -4.57
N LYS A 597 -9.09 25.20 -5.20
CA LYS A 597 -10.42 25.23 -4.59
C LYS A 597 -11.01 23.82 -4.47
N PHE A 598 -10.79 22.96 -5.47
CA PHE A 598 -11.33 21.62 -5.41
C PHE A 598 -10.73 20.82 -4.27
N VAL A 599 -9.40 20.90 -4.10
CA VAL A 599 -8.73 20.09 -3.09
C VAL A 599 -9.20 20.49 -1.69
N LEU A 600 -9.37 21.78 -1.45
CA LEU A 600 -9.81 22.23 -0.14
C LEU A 600 -11.23 21.75 0.18
N GLU A 601 -12.07 21.62 -0.85
CA GLU A 601 -13.42 21.13 -0.61
C GLU A 601 -13.44 19.68 -0.18
N GLY A 602 -12.47 18.89 -0.64
CA GLY A 602 -12.39 17.49 -0.23
C GLY A 602 -12.11 17.31 1.24
N ILE A 603 -11.33 18.21 1.83
CA ILE A 603 -11.04 18.16 3.27
C ILE A 603 -12.35 18.33 4.04
N PRO A 604 -12.60 17.51 5.07
CA PRO A 604 -13.86 17.63 5.82
C PRO A 604 -14.02 18.97 6.52
N GLU A 605 -15.25 19.27 6.95
CA GLU A 605 -15.56 20.59 7.47
C GLU A 605 -14.87 20.88 8.80
N THR A 606 -14.68 19.86 9.63
CA THR A 606 -14.13 20.08 10.96
C THR A 606 -12.72 20.65 10.89
N GLN A 607 -11.89 20.13 9.97
CA GLN A 607 -10.54 20.64 9.82
C GLN A 607 -10.52 22.09 9.34
N ILE A 608 -11.41 22.43 8.39
CA ILE A 608 -11.36 23.75 7.77
C ILE A 608 -11.62 24.84 8.79
N LYS A 609 -12.57 24.61 9.70
CA LYS A 609 -12.86 25.61 10.73
C LYS A 609 -11.64 25.86 11.61
N ARG A 610 -10.93 24.79 11.98
CA ARG A 610 -9.72 24.96 12.80
C ARG A 610 -8.65 25.72 12.04
N TYR A 611 -8.43 25.37 10.77
CA TYR A 611 -7.39 26.04 9.98
C TYR A 611 -7.71 27.52 9.80
N PHE A 612 -8.99 27.83 9.56
CA PHE A 612 -9.37 29.21 9.28
C PHE A 612 -9.16 30.12 10.48
N ASP A 613 -9.49 29.63 11.68
CA ASP A 613 -9.35 30.46 12.88
C ASP A 613 -7.89 30.77 13.18
N VAL A 614 -7.00 29.78 13.04
CA VAL A 614 -5.60 29.98 13.38
C VAL A 614 -4.93 30.91 12.37
N CYS A 615 -5.18 30.68 11.08
CA CYS A 615 -4.58 31.47 10.01
C CYS A 615 -5.40 32.72 9.68
N LYS A 616 -6.29 33.14 10.58
CA LYS A 616 -7.22 34.21 10.27
C LYS A 616 -6.49 35.52 9.99
N GLY A 617 -5.63 35.94 10.91
CA GLY A 617 -5.02 37.25 10.82
C GLY A 617 -5.80 38.27 11.63
N GLN A 618 -5.75 39.54 11.21
CA GLN A 618 -6.47 40.60 11.92
C GLN A 618 -7.26 41.50 10.98
N GLU A 619 -7.50 41.09 9.74
CA GLU A 619 -8.15 41.95 8.76
C GLU A 619 -9.41 41.32 8.16
N ILE A 620 -9.91 40.24 8.75
CA ILE A 620 -11.12 39.60 8.24
C ILE A 620 -12.05 39.27 9.41
N PRO A 621 -13.37 39.33 9.22
CA PRO A 621 -14.29 39.01 10.31
C PRO A 621 -14.69 37.55 10.30
N PRO A 622 -15.17 37.01 11.42
CA PRO A 622 -15.57 35.60 11.45
C PRO A 622 -16.88 35.39 10.70
N THR A 623 -16.87 34.44 9.77
CA THR A 623 -18.05 34.11 8.98
C THR A 623 -18.25 32.59 8.99
N SER A 624 -19.50 32.17 8.99
CA SER A 624 -19.84 30.76 9.07
C SER A 624 -20.06 30.12 7.71
N ASP A 625 -19.96 30.89 6.63
CA ASP A 625 -20.14 30.35 5.29
C ASP A 625 -18.89 29.57 4.87
N LYS A 626 -19.09 28.30 4.50
CA LYS A 626 -17.96 27.47 4.12
C LYS A 626 -17.25 28.01 2.87
N SER A 627 -18.03 28.50 1.90
CA SER A 627 -17.43 29.05 0.70
C SER A 627 -16.60 30.30 1.01
N ALA A 628 -17.03 31.07 2.01
CA ALA A 628 -16.28 32.27 2.40
C ALA A 628 -14.90 31.91 2.95
N GLN A 629 -14.83 30.86 3.76
CA GLN A 629 -13.56 30.45 4.36
C GLN A 629 -12.60 29.94 3.29
N ILE A 630 -13.10 29.19 2.31
CA ILE A 630 -12.24 28.57 1.32
C ILE A 630 -11.52 29.62 0.48
N ASP A 631 -12.24 30.67 0.08
CA ASP A 631 -11.62 31.71 -0.74
C ASP A 631 -10.51 32.43 0.03
N VAL A 632 -10.71 32.66 1.32
CA VAL A 632 -9.69 33.33 2.13
C VAL A 632 -8.43 32.45 2.22
N LEU A 633 -8.62 31.15 2.47
CA LEU A 633 -7.47 30.25 2.58
C LEU A 633 -6.75 30.10 1.24
N ALA A 634 -7.49 30.22 0.13
CA ALA A 634 -6.87 30.06 -1.18
C ALA A 634 -5.83 31.13 -1.45
N ARG A 635 -6.09 32.36 -1.01
CA ARG A 635 -5.14 33.44 -1.24
C ARG A 635 -3.89 33.29 -0.38
N ILE A 636 -4.03 32.77 0.83
CA ILE A 636 -2.87 32.54 1.69
C ILE A 636 -1.94 31.50 1.07
N ILE A 637 -2.51 30.38 0.60
CA ILE A 637 -1.71 29.31 0.04
C ILE A 637 -1.03 29.74 -1.25
N SER A 638 -1.70 30.57 -2.06
CA SER A 638 -1.17 30.93 -3.37
C SER A 638 0.15 31.69 -3.26
N SER A 639 0.26 32.60 -2.29
CA SER A 639 1.44 33.45 -2.14
C SER A 639 2.14 33.13 -0.82
N VAL A 640 3.03 32.15 -0.84
CA VAL A 640 3.82 31.77 0.33
C VAL A 640 5.29 31.76 -0.06
N ASP A 641 6.12 32.44 0.74
CA ASP A 641 7.56 32.46 0.56
C ASP A 641 8.21 32.20 1.91
N TYR A 642 9.45 31.71 1.87
CA TYR A 642 10.17 31.39 3.09
C TYR A 642 10.60 32.64 3.85
N LYS A 643 10.62 33.80 3.19
CA LYS A 643 11.07 35.03 3.83
C LYS A 643 10.18 35.43 4.99
N ILE A 644 8.92 35.00 4.99
CA ILE A 644 8.03 35.33 6.10
C ILE A 644 8.46 34.59 7.36
N PHE A 645 9.07 33.42 7.20
CA PHE A 645 9.47 32.58 8.33
C PHE A 645 10.82 32.97 8.93
N GLU A 646 11.33 34.17 8.65
CA GLU A 646 12.62 34.59 9.17
C GLU A 646 12.53 35.35 10.49
N ASP A 647 11.34 35.46 11.07
CA ASP A 647 11.16 36.16 12.34
C ASP A 647 10.49 35.28 13.39
N VAL A 648 10.61 33.98 13.29
CA VAL A 648 9.96 33.09 14.26
C VAL A 648 10.57 33.31 15.63
N PRO A 649 9.78 33.34 16.71
CA PRO A 649 10.35 33.55 18.04
C PRO A 649 11.43 32.54 18.39
N GLN A 650 12.66 33.02 18.59
CA GLN A 650 13.75 32.14 18.99
C GLN A 650 13.51 31.63 20.41
N SER A 651 13.64 30.32 20.59
CA SER A 651 13.39 29.67 21.86
C SER A 651 11.98 29.99 22.38
N ASN A 662 4.57 36.57 27.52
CA ASN A 662 4.49 36.89 26.11
C ASN A 662 3.57 35.95 25.35
N PHE A 663 2.29 36.33 25.25
CA PHE A 663 1.35 35.57 24.43
C PHE A 663 1.52 35.85 22.94
N SER A 664 2.19 36.94 22.58
CA SER A 664 2.40 37.24 21.16
C SER A 664 3.27 36.20 20.49
N ASP A 665 4.35 35.77 21.17
CA ASP A 665 5.26 34.79 20.59
C ASP A 665 4.55 33.44 20.39
N ALA A 666 3.76 33.03 21.38
CA ALA A 666 3.09 31.74 21.30
C ALA A 666 2.10 31.69 20.15
N LEU A 667 1.33 32.76 19.96
CA LEU A 667 0.36 32.79 18.87
C LEU A 667 1.06 32.78 17.51
N LYS A 668 2.18 33.50 17.39
CA LYS A 668 2.85 33.60 16.11
C LYS A 668 3.49 32.27 15.71
N LYS A 669 3.97 31.49 16.67
CA LYS A 669 4.57 30.21 16.35
C LYS A 669 3.53 29.25 15.77
N GLN A 670 2.33 29.22 16.36
CA GLN A 670 1.29 28.33 15.86
C GLN A 670 0.82 28.74 14.47
N ARG A 671 0.71 30.05 14.23
CA ARG A 671 0.23 30.52 12.93
C ARG A 671 1.18 30.12 11.81
N TYR A 672 2.48 30.21 12.05
CA TYR A 672 3.45 29.83 11.03
C TYR A 672 3.43 28.32 10.77
N GLN A 673 3.22 27.52 11.81
CA GLN A 673 3.17 26.08 11.64
C GLN A 673 1.98 25.65 10.79
N ALA A 674 0.85 26.31 10.96
CA ALA A 674 -0.37 25.91 10.25
C ALA A 674 -0.24 26.14 8.75
N ILE A 675 0.44 27.22 8.35
CA ILE A 675 0.51 27.56 6.94
C ILE A 675 1.32 26.53 6.16
N VAL A 676 2.48 26.12 6.70
CA VAL A 676 3.33 25.19 5.97
C VAL A 676 2.68 23.81 5.89
N SER A 677 1.96 23.39 6.93
CA SER A 677 1.26 22.11 6.86
C SER A 677 0.16 22.15 5.80
N LEU A 678 -0.54 23.28 5.69
CA LEU A 678 -1.56 23.43 4.65
C LEU A 678 -0.92 23.42 3.27
N TYR A 679 0.27 24.00 3.15
CA TYR A 679 0.99 24.03 1.88
C TYR A 679 1.27 22.62 1.37
N LEU A 680 1.82 21.77 2.23
CA LEU A 680 2.26 20.45 1.79
C LEU A 680 1.07 19.50 1.64
N THR A 681 0.01 19.71 2.41
CA THR A 681 -1.15 18.83 2.33
C THR A 681 -1.82 18.92 0.97
N VAL A 682 -1.93 20.14 0.43
CA VAL A 682 -2.52 20.31 -0.90
C VAL A 682 -1.70 19.61 -1.96
N MET A 683 -0.37 19.77 -1.91
CA MET A 683 0.50 19.15 -2.91
C MET A 683 0.53 17.64 -2.75
N TYR A 684 0.44 17.14 -1.53
CA TYR A 684 0.55 15.70 -1.28
C TYR A 684 -0.67 14.95 -1.77
N LEU A 685 -1.84 15.59 -1.74
CA LEU A 685 -3.07 14.90 -2.14
C LEU A 685 -3.15 14.76 -3.65
N ILE A 686 -2.71 15.76 -4.40
CA ILE A 686 -2.75 15.68 -5.86
C ILE A 686 -1.83 14.56 -6.35
N THR A 687 -0.61 14.49 -5.81
CA THR A 687 0.34 13.47 -6.24
C THR A 687 -0.15 12.07 -5.89
N LYS A 688 -0.66 11.90 -4.66
CA LYS A 688 -1.10 10.58 -4.21
C LYS A 688 -2.29 10.07 -5.04
N ASN A 689 -3.26 10.94 -5.31
CA ASN A 689 -4.47 10.50 -5.97
C ASN A 689 -4.25 10.28 -7.46
N LEU A 690 -3.36 11.04 -8.08
CA LEU A 690 -3.03 10.79 -9.49
C LEU A 690 -2.31 9.46 -9.64
N VAL A 691 -1.49 9.07 -8.66
CA VAL A 691 -0.84 7.78 -8.70
C VAL A 691 -1.87 6.66 -8.56
N TYR A 692 -2.87 6.86 -7.71
CA TYR A 692 -3.90 5.85 -7.51
C TYR A 692 -4.66 5.56 -8.80
N VAL A 693 -5.02 6.60 -9.54
CA VAL A 693 -5.75 6.41 -10.79
C VAL A 693 -4.90 5.65 -11.79
N ASN A 694 -3.61 5.97 -11.87
CA ASN A 694 -2.70 5.24 -12.75
C ASN A 694 -2.58 3.78 -12.33
N SER A 695 -2.67 3.51 -11.03
CA SER A 695 -2.59 2.13 -10.56
C SER A 695 -3.79 1.32 -11.02
N ARG A 696 -4.95 1.97 -11.19
CA ARG A 696 -6.13 1.25 -11.67
C ARG A 696 -5.96 0.79 -13.11
N TYR A 697 -5.26 1.57 -13.93
CA TYR A 697 -5.07 1.20 -15.32
C TYR A 697 -3.92 0.22 -15.52
N VAL A 698 -2.95 0.19 -14.59
CA VAL A 698 -1.89 -0.80 -14.67
C VAL A 698 -2.46 -2.20 -14.50
N ILE A 699 -3.40 -2.36 -13.57
CA ILE A 699 -4.05 -3.66 -13.38
C ILE A 699 -4.77 -4.11 -14.64
N ALA A 700 -5.44 -3.16 -15.31
CA ALA A 700 -6.19 -3.50 -16.51
C ALA A 700 -5.30 -4.03 -17.62
N PHE A 701 -4.15 -3.39 -17.83
CA PHE A 701 -3.25 -3.83 -18.89
C PHE A 701 -2.59 -5.16 -18.54
N HIS A 702 -2.35 -5.41 -17.25
CA HIS A 702 -1.75 -6.66 -16.83
C HIS A 702 -2.67 -7.84 -17.10
N CYS A 703 -3.98 -7.64 -16.96
CA CYS A 703 -4.92 -8.72 -17.17
C CYS A 703 -5.06 -9.09 -18.64
N LEU A 704 -4.91 -8.10 -19.53
CA LEU A 704 -5.04 -8.36 -20.96
C LEU A 704 -3.97 -9.34 -21.44
N GLU A 705 -2.71 -9.12 -21.05
CA GLU A 705 -1.63 -9.99 -21.49
C GLU A 705 -1.80 -11.39 -20.91
N ARG A 706 -2.23 -11.49 -19.66
CA ARG A 706 -2.47 -12.79 -19.04
C ARG A 706 -3.60 -13.53 -19.74
N ASP A 707 -4.69 -12.82 -20.07
CA ASP A 707 -5.84 -13.47 -20.68
C ASP A 707 -5.64 -13.78 -22.14
N ALA A 708 -4.87 -12.97 -22.87
CA ALA A 708 -4.65 -13.21 -24.29
C ALA A 708 -3.77 -14.43 -24.53
N PHE A 709 -2.93 -14.79 -23.56
CA PHE A 709 -2.09 -15.97 -23.70
C PHE A 709 -2.91 -17.25 -23.62
N LEU A 710 -3.85 -17.31 -22.69
CA LEU A 710 -4.62 -18.55 -22.50
C LEU A 710 -5.55 -18.80 -23.67
N HIS A 711 -6.17 -17.76 -24.22
CA HIS A 711 -7.10 -17.93 -25.34
C HIS A 711 -6.39 -18.28 -26.64
N GLY A 712 -5.07 -18.15 -26.70
CA GLY A 712 -4.35 -18.43 -27.92
C GLY A 712 -4.32 -17.30 -28.92
N VAL A 713 -4.67 -16.08 -28.51
CA VAL A 713 -4.70 -14.93 -29.40
C VAL A 713 -3.45 -14.10 -29.15
N THR A 714 -2.60 -14.00 -30.17
CA THR A 714 -1.40 -13.18 -30.08
C THR A 714 -1.70 -11.77 -30.58
N LEU A 715 -1.04 -10.79 -29.96
CA LEU A 715 -1.22 -9.40 -30.32
C LEU A 715 -0.21 -9.02 -31.40
N PRO A 716 -0.64 -8.72 -32.63
CA PRO A 716 0.33 -8.48 -33.70
C PRO A 716 0.92 -7.08 -33.69
N LYS A 717 1.69 -6.75 -34.71
CA LYS A 717 2.35 -5.46 -34.84
C LYS A 717 2.12 -4.90 -36.23
N MET A 718 2.18 -3.57 -36.32
CA MET A 718 2.08 -2.89 -37.61
C MET A 718 2.78 -1.53 -37.48
N ASN A 719 3.77 -1.29 -38.34
CA ASN A 719 4.55 -0.05 -38.30
C ASN A 719 5.18 0.18 -36.93
N LYS A 720 5.71 -0.90 -36.34
CA LYS A 720 6.37 -0.85 -35.04
C LYS A 720 5.44 -0.35 -33.95
N LYS A 721 4.22 -0.86 -33.94
CA LYS A 721 3.24 -0.60 -32.89
C LYS A 721 2.61 -1.93 -32.47
N ILE A 722 1.67 -1.88 -31.54
CA ILE A 722 0.96 -3.06 -31.07
C ILE A 722 -0.54 -2.79 -31.14
N VAL A 723 -1.28 -3.73 -31.73
CA VAL A 723 -2.74 -3.61 -31.83
C VAL A 723 -3.32 -4.24 -30.57
N TYR A 724 -3.59 -3.40 -29.56
CA TYR A 724 -4.15 -3.88 -28.30
C TYR A 724 -5.62 -4.25 -28.41
N SER A 725 -6.27 -3.95 -29.52
CA SER A 725 -7.68 -4.24 -29.72
C SER A 725 -7.92 -5.52 -30.50
N GLN A 726 -6.90 -6.38 -30.64
CA GLN A 726 -7.07 -7.60 -31.40
C GLN A 726 -7.84 -8.66 -30.63
N LEU A 727 -7.69 -8.70 -29.31
CA LEU A 727 -8.43 -9.70 -28.53
C LEU A 727 -9.92 -9.47 -28.58
N THR A 728 -10.36 -8.21 -28.45
CA THR A 728 -11.79 -7.93 -28.47
C THR A 728 -12.38 -8.15 -29.86
N THR A 729 -11.57 -8.00 -30.90
CA THR A 729 -12.06 -8.31 -32.25
C THR A 729 -12.26 -9.80 -32.43
N HIS A 730 -11.34 -10.60 -31.90
CA HIS A 730 -11.46 -12.06 -32.02
C HIS A 730 -12.67 -12.58 -31.26
N LEU A 731 -12.95 -12.02 -30.09
CA LEU A 731 -14.05 -12.50 -29.26
C LEU A 731 -15.41 -12.04 -29.75
N LEU A 732 -15.45 -11.06 -30.66
CA LEU A 732 -16.73 -10.62 -31.20
C LEU A 732 -17.30 -11.60 -32.22
N THR A 733 -16.45 -12.47 -32.78
CA THR A 733 -16.87 -13.43 -33.80
C THR A 733 -16.61 -14.87 -33.38
N ASP A 734 -16.72 -15.14 -32.08
CA ASP A 734 -16.55 -16.49 -31.54
C ASP A 734 -17.89 -17.00 -31.06
N LYS A 735 -18.27 -18.20 -31.52
CA LYS A 735 -19.59 -18.72 -31.22
C LYS A 735 -19.77 -18.98 -29.72
N ASN A 736 -18.74 -19.51 -29.07
CA ASN A 736 -18.88 -19.84 -27.65
C ASN A 736 -18.98 -18.59 -26.79
N TYR A 737 -18.09 -17.62 -27.03
CA TYR A 737 -18.11 -16.39 -26.22
C TYR A 737 -19.38 -15.59 -26.46
N THR A 738 -19.85 -15.56 -27.71
CA THR A 738 -21.03 -14.75 -28.02
C THR A 738 -22.30 -15.37 -27.46
N THR A 739 -22.26 -16.66 -27.11
CA THR A 739 -23.43 -17.34 -26.56
C THR A 739 -23.36 -17.58 -25.06
N TYR A 740 -22.16 -17.77 -24.50
CA TYR A 740 -21.99 -18.09 -23.09
C TYR A 740 -20.96 -17.16 -22.45
N GLY A 741 -21.09 -15.87 -22.69
CA GLY A 741 -20.09 -14.93 -22.17
C GLY A 741 -20.59 -13.53 -21.86
N HIS A 742 -19.65 -12.62 -21.65
CA HIS A 742 -20.00 -11.23 -21.36
C HIS A 742 -20.70 -10.58 -22.54
N LEU A 743 -20.11 -10.70 -23.72
CA LEU A 743 -20.71 -10.17 -24.95
C LEU A 743 -21.67 -11.22 -25.49
N LYS A 744 -22.96 -10.98 -25.33
CA LYS A 744 -23.99 -11.95 -25.69
C LYS A 744 -24.82 -11.43 -26.86
N ASN A 745 -25.17 -12.33 -27.76
CA ASN A 745 -26.00 -12.02 -28.92
C ASN A 745 -27.26 -12.87 -28.84
N GLN A 746 -28.25 -12.39 -28.10
CA GLN A 746 -29.54 -13.05 -27.97
C GLN A 746 -30.63 -11.99 -27.94
N LYS A 747 -31.85 -12.42 -28.26
CA LYS A 747 -33.00 -11.53 -28.22
C LYS A 747 -33.30 -11.18 -26.77
N GLY A 748 -32.91 -9.98 -26.34
CA GLY A 748 -33.08 -9.53 -24.98
C GLY A 748 -31.78 -9.35 -24.21
N HIS A 749 -30.64 -9.71 -24.79
CA HIS A 749 -29.35 -9.58 -24.11
C HIS A 749 -28.28 -9.09 -25.09
N ARG A 750 -28.61 -8.09 -25.91
CA ARG A 750 -27.72 -7.65 -26.97
C ARG A 750 -27.26 -6.20 -26.80
N LYS A 751 -27.45 -5.63 -25.60
CA LYS A 751 -27.16 -4.21 -25.43
C LYS A 751 -25.68 -3.93 -25.54
N TRP A 752 -24.85 -4.66 -24.78
CA TRP A 752 -23.43 -4.35 -24.72
C TRP A 752 -22.67 -4.95 -25.89
N TYR A 753 -23.29 -5.87 -26.62
CA TYR A 753 -22.68 -6.37 -27.84
C TYR A 753 -22.68 -5.29 -28.92
N VAL A 754 -23.75 -4.49 -28.97
CA VAL A 754 -23.85 -3.45 -29.99
C VAL A 754 -22.97 -2.26 -29.64
N LEU A 755 -23.00 -1.82 -28.38
CA LEU A 755 -22.27 -0.62 -28.00
C LEU A 755 -20.76 -0.80 -28.18
N VAL A 756 -20.23 -1.95 -27.79
CA VAL A 756 -18.81 -2.21 -27.99
C VAL A 756 -18.48 -2.27 -29.48
N LYS A 757 -19.34 -2.92 -30.27
CA LYS A 757 -19.14 -2.93 -31.71
C LYS A 757 -19.28 -1.54 -32.30
N ASN A 758 -20.12 -0.69 -31.70
CA ASN A 758 -20.25 0.68 -32.14
C ASN A 758 -19.01 1.50 -31.79
N ASN A 759 -18.49 1.32 -30.57
CA ASN A 759 -17.35 2.10 -30.13
C ASN A 759 -16.03 1.59 -30.69
N LEU A 760 -16.02 0.41 -31.32
CA LEU A 760 -14.78 -0.10 -31.90
C LEU A 760 -14.38 0.68 -33.14
N GLN A 761 -15.35 1.17 -33.91
CA GLN A 761 -15.07 1.87 -35.16
C GLN A 761 -14.62 3.31 -34.96
N ASN A 762 -14.28 3.71 -33.73
CA ASN A 762 -13.85 5.07 -33.43
C ASN A 762 -12.48 5.08 -32.75
N SER A 763 -11.67 4.05 -32.96
CA SER A 763 -10.42 3.87 -32.23
C SER A 763 -9.23 4.07 -33.17
N ASP A 764 -8.19 4.72 -32.65
CA ASP A 764 -6.94 4.91 -33.35
C ASP A 764 -5.91 3.91 -32.83
N ILE A 765 -5.21 3.25 -33.75
CA ILE A 765 -4.17 2.30 -33.34
C ILE A 765 -3.04 3.04 -32.64
N THR A 766 -2.66 4.21 -33.17
CA THR A 766 -1.58 4.99 -32.55
C THR A 766 -1.99 5.52 -31.18
N ALA A 767 -3.24 5.96 -31.04
CA ALA A 767 -3.69 6.51 -29.77
C ALA A 767 -3.69 5.47 -28.66
N VAL A 768 -4.11 4.24 -28.97
CA VAL A 768 -4.07 3.16 -27.99
C VAL A 768 -2.63 2.85 -27.59
N SER A 769 -1.73 2.80 -28.58
CA SER A 769 -0.33 2.53 -28.29
C SER A 769 0.29 3.65 -27.44
N SER A 770 -0.02 4.89 -27.76
CA SER A 770 0.52 6.01 -26.98
C SER A 770 0.01 5.99 -25.54
N PHE A 771 -1.26 5.63 -25.36
CA PHE A 771 -1.82 5.59 -24.02
C PHE A 771 -1.15 4.51 -23.17
N ALA A 772 -0.79 3.38 -23.78
CA ALA A 772 -0.15 2.31 -23.03
C ALA A 772 1.19 2.75 -22.47
N ASN A 773 1.96 3.50 -23.27
CA ASN A 773 3.24 4.00 -22.79
C ASN A 773 3.08 4.98 -21.64
N ILE A 774 2.04 5.82 -21.69
CA ILE A 774 1.80 6.79 -20.63
C ILE A 774 1.49 6.08 -19.32
N VAL A 775 0.65 5.04 -19.37
CA VAL A 775 0.27 4.33 -18.15
C VAL A 775 1.47 3.63 -17.53
N ALA A 776 2.31 3.01 -18.36
CA ALA A 776 3.42 2.22 -17.83
C ALA A 776 4.47 3.09 -17.16
N ALA A 777 4.81 4.23 -17.76
CA ALA A 777 5.90 5.06 -17.26
C ALA A 777 5.44 6.15 -16.30
N ILE A 778 4.13 6.25 -16.03
CA ILE A 778 3.55 7.30 -15.20
C ILE A 778 4.06 8.66 -15.68
N SER A 779 3.65 9.06 -16.86
CA SER A 779 4.03 10.37 -17.40
C SER A 779 3.07 11.47 -17.00
N VAL A 780 1.94 11.12 -16.39
CA VAL A 780 1.02 12.15 -15.90
C VAL A 780 1.61 12.86 -14.69
N VAL A 781 2.18 12.10 -13.75
CA VAL A 781 2.79 12.70 -12.56
C VAL A 781 4.04 13.47 -12.94
N ARG A 782 4.83 12.94 -13.88
CA ARG A 782 6.09 13.57 -14.25
C ARG A 782 5.84 14.88 -15.00
N ASN A 783 5.17 14.81 -16.15
CA ASN A 783 4.90 15.99 -16.96
C ASN A 783 3.50 16.52 -16.68
N SER A 784 3.35 17.09 -15.50
CA SER A 784 2.11 17.75 -15.11
C SER A 784 2.25 19.25 -14.95
N ASN A 785 3.46 19.79 -15.10
CA ASN A 785 3.72 21.20 -14.91
C ASN A 785 3.55 22.02 -16.18
N GLU A 786 3.30 21.38 -17.32
CA GLU A 786 3.11 22.07 -18.59
C GLU A 786 1.66 22.17 -19.00
N TYR A 787 0.73 21.57 -18.24
CA TYR A 787 -0.67 21.50 -18.64
C TYR A 787 -1.66 21.83 -17.55
N ILE A 788 -1.21 22.05 -16.31
CA ILE A 788 -2.14 22.22 -15.19
C ILE A 788 -2.45 23.70 -15.03
N SER A 789 -2.00 24.50 -15.99
CA SER A 789 -2.21 25.94 -15.97
C SER A 789 -3.35 26.40 -16.88
N GLY A 790 -4.11 25.46 -17.45
CA GLY A 790 -5.19 25.82 -18.35
C GLY A 790 -6.46 25.03 -18.15
N ILE A 791 -6.73 24.62 -16.93
CA ILE A 791 -7.89 23.79 -16.62
C ILE A 791 -9.07 24.69 -16.27
N GLY A 792 -10.25 24.32 -16.76
CA GLY A 792 -11.43 25.15 -16.58
C GLY A 792 -12.11 25.02 -15.24
N GLU A 793 -12.64 23.84 -14.94
CA GLU A 793 -13.38 23.64 -13.70
C GLU A 793 -13.36 22.16 -13.37
N LEU A 794 -13.06 21.84 -12.11
CA LEU A 794 -12.88 20.47 -11.66
C LEU A 794 -14.00 20.05 -10.72
N HIS A 795 -14.35 18.76 -10.78
CA HIS A 795 -15.29 18.18 -9.83
C HIS A 795 -14.85 16.83 -9.28
N SER A 796 -13.88 16.16 -9.90
CA SER A 796 -13.36 14.89 -9.41
C SER A 796 -11.97 14.68 -9.95
N TYR A 797 -11.21 13.78 -9.30
CA TYR A 797 -9.86 13.48 -9.77
C TYR A 797 -9.86 12.73 -11.09
N PHE A 798 -10.99 12.14 -11.47
CA PHE A 798 -11.10 11.48 -12.77
C PHE A 798 -10.94 12.49 -13.90
N GLU A 799 -11.55 13.66 -13.76
CA GLU A 799 -11.48 14.68 -14.81
C GLU A 799 -10.05 15.20 -14.96
N LEU A 800 -9.37 15.45 -13.85
CA LEU A 800 -8.03 16.02 -13.91
C LEU A 800 -7.04 15.06 -14.56
N TYR A 801 -7.15 13.76 -14.24
CA TYR A 801 -6.24 12.79 -14.82
C TYR A 801 -6.40 12.72 -16.34
N HIS A 802 -7.64 12.75 -16.81
CA HIS A 802 -7.88 12.54 -18.24
C HIS A 802 -7.66 13.82 -19.05
N TYR A 803 -7.81 14.99 -18.42
CA TYR A 803 -7.46 16.22 -19.13
C TYR A 803 -5.99 16.25 -19.48
N LEU A 804 -5.14 15.84 -18.53
CA LEU A 804 -3.70 15.82 -18.78
C LEU A 804 -3.34 14.83 -19.88
N VAL A 805 -3.99 13.66 -19.87
CA VAL A 805 -3.67 12.62 -20.85
C VAL A 805 -4.02 13.09 -22.25
N GLN A 806 -5.18 13.71 -22.42
CA GLN A 806 -5.59 14.18 -23.74
C GLN A 806 -4.75 15.37 -24.19
N SER A 807 -4.20 16.14 -23.25
CA SER A 807 -3.36 17.28 -23.61
C SER A 807 -2.06 16.82 -24.25
N MET A 808 -1.45 15.75 -23.72
CA MET A 808 -0.19 15.26 -24.28
C MET A 808 -0.37 14.77 -25.70
N ILE A 809 -1.47 14.07 -25.97
CA ILE A 809 -1.73 13.57 -27.32
C ILE A 809 -1.89 14.73 -28.28
N ALA A 810 -2.29 15.90 -27.78
CA ALA A 810 -2.56 17.04 -28.66
C ALA A 810 -1.28 17.59 -29.27
N LYS A 811 -0.35 18.08 -28.43
CA LYS A 811 0.81 18.79 -28.98
C LYS A 811 1.86 17.81 -29.50
N ASN A 812 1.98 16.64 -28.89
CA ASN A 812 2.95 15.66 -29.36
C ASN A 812 2.52 14.98 -30.65
N ASN A 813 1.27 15.18 -31.08
CA ASN A 813 0.76 14.62 -32.33
C ASN A 813 0.81 13.10 -32.32
N TRP A 814 0.22 12.50 -31.31
CA TRP A 814 0.10 11.04 -31.21
C TRP A 814 -1.27 10.58 -31.71
N TYR A 815 -1.55 10.84 -32.98
CA TYR A 815 -2.79 10.39 -33.60
C TYR A 815 -2.61 10.39 -35.11
N ASP A 816 -3.67 9.97 -35.81
CA ASP A 816 -3.64 9.91 -37.27
C ASP A 816 -5.06 10.12 -37.77
N THR A 817 -5.31 11.27 -38.39
CA THR A 817 -6.62 11.58 -38.93
C THR A 817 -6.87 10.94 -40.29
N SER A 818 -5.83 10.43 -40.94
CA SER A 818 -6.02 9.75 -42.22
C SER A 818 -6.77 8.43 -42.05
N HIS A 819 -6.46 7.68 -41.00
CA HIS A 819 -7.11 6.40 -40.76
C HIS A 819 -8.40 6.50 -39.96
N GLN A 820 -8.65 7.63 -39.32
CA GLN A 820 -9.90 7.84 -38.61
C GLN A 820 -10.22 9.33 -38.55
N PRO A 821 -11.21 9.80 -39.32
CA PRO A 821 -11.48 11.24 -39.35
C PRO A 821 -12.32 11.72 -38.17
N LYS A 822 -12.46 10.89 -37.14
CA LYS A 822 -13.26 11.25 -35.97
C LYS A 822 -12.44 11.76 -34.80
N THR A 823 -11.13 11.52 -34.79
CA THR A 823 -10.29 12.07 -33.74
C THR A 823 -10.19 13.59 -33.86
N ALA A 824 -10.43 14.12 -35.06
CA ALA A 824 -10.34 15.56 -35.27
C ALA A 824 -11.38 16.31 -34.45
N GLU A 825 -12.61 15.80 -34.41
CA GLU A 825 -13.66 16.49 -33.66
C GLU A 825 -13.47 16.30 -32.15
N TYR A 826 -12.87 15.18 -31.74
CA TYR A 826 -12.63 14.96 -30.32
C TYR A 826 -11.69 16.01 -29.74
N LEU A 827 -10.62 16.35 -30.48
CA LEU A 827 -9.65 17.31 -29.97
C LEU A 827 -10.20 18.73 -30.02
N ASN A 828 -11.13 19.00 -30.93
CA ASN A 828 -11.71 20.34 -31.01
C ASN A 828 -12.58 20.63 -29.79
N ASN A 829 -13.28 19.62 -29.27
CA ASN A 829 -14.12 19.84 -28.09
C ASN A 829 -13.27 20.17 -26.87
N LEU A 830 -12.09 19.56 -26.76
CA LEU A 830 -11.25 19.78 -25.58
C LEU A 830 -10.78 21.23 -25.48
N LYS A 831 -10.34 21.81 -26.59
CA LYS A 831 -9.72 23.13 -26.53
C LYS A 831 -10.76 24.24 -26.35
N LYS A 832 -11.94 24.08 -26.96
CA LYS A 832 -12.95 25.13 -26.85
C LYS A 832 -13.73 25.05 -25.55
N HIS A 833 -13.61 23.97 -24.80
CA HIS A 833 -14.33 23.79 -23.54
C HIS A 833 -13.40 23.72 -22.33
N HIS A 834 -12.11 23.48 -22.54
CA HIS A 834 -11.12 23.38 -21.46
C HIS A 834 -11.52 22.31 -20.44
N THR A 835 -12.04 21.19 -20.94
CA THR A 835 -12.42 20.05 -20.12
C THR A 835 -12.41 18.82 -21.01
N TYR A 836 -12.21 17.66 -20.39
CA TYR A 836 -12.06 16.42 -21.13
C TYR A 836 -13.35 16.03 -21.85
N CYS A 837 -13.19 15.25 -22.91
CA CYS A 837 -14.30 14.78 -23.73
C CYS A 837 -14.62 13.33 -23.37
N LYS A 838 -15.89 13.07 -23.06
CA LYS A 838 -16.27 11.74 -22.60
C LYS A 838 -16.22 10.71 -23.72
N ASP A 839 -16.49 11.12 -24.96
CA ASP A 839 -16.48 10.16 -26.06
C ASP A 839 -15.07 9.67 -26.36
N PHE A 840 -14.07 10.51 -26.13
CA PHE A 840 -12.70 10.18 -26.52
C PHE A 840 -12.11 9.13 -25.58
N VAL A 841 -12.53 9.15 -24.31
CA VAL A 841 -12.03 8.14 -23.37
C VAL A 841 -12.64 6.78 -23.67
N LYS A 842 -13.79 6.74 -24.35
CA LYS A 842 -14.40 5.48 -24.71
C LYS A 842 -13.73 4.82 -25.91
N ALA A 843 -12.82 5.54 -26.57
CA ALA A 843 -12.17 5.00 -27.77
C ALA A 843 -10.93 4.19 -27.42
N TYR A 844 -10.00 4.80 -26.67
CA TYR A 844 -8.74 4.10 -26.40
C TYR A 844 -8.82 3.14 -25.22
N CYS A 845 -9.97 3.06 -24.55
CA CYS A 845 -10.19 2.04 -23.52
C CYS A 845 -10.90 0.81 -24.08
N ILE A 846 -11.06 0.72 -25.39
CA ILE A 846 -11.74 -0.41 -26.03
C ILE A 846 -10.95 -1.72 -25.91
N PRO A 847 -9.62 -1.73 -25.73
CA PRO A 847 -8.95 -3.03 -25.50
C PRO A 847 -9.47 -3.76 -24.27
N PHE A 848 -10.24 -3.11 -23.39
CA PHE A 848 -10.84 -3.76 -22.24
C PHE A 848 -12.31 -4.06 -22.45
N GLY A 849 -12.77 -4.07 -23.70
CA GLY A 849 -14.19 -4.21 -23.97
C GLY A 849 -14.72 -5.61 -23.70
N TYR A 850 -13.86 -6.62 -23.66
CA TYR A 850 -14.33 -7.98 -23.45
C TYR A 850 -14.75 -8.24 -22.01
N VAL A 851 -14.46 -7.34 -21.08
CA VAL A 851 -14.89 -7.44 -19.70
C VAL A 851 -15.79 -6.22 -19.46
N VAL A 852 -17.11 -6.45 -19.48
CA VAL A 852 -18.05 -5.33 -19.37
C VAL A 852 -17.94 -4.58 -18.05
N PRO A 853 -17.88 -5.24 -16.89
CA PRO A 853 -17.78 -4.47 -15.64
C PRO A 853 -16.58 -3.56 -15.59
N ARG A 854 -15.44 -3.97 -16.14
CA ARG A 854 -14.25 -3.13 -16.12
C ARG A 854 -14.37 -1.98 -17.11
N TYR A 855 -14.98 -2.23 -18.28
CA TYR A 855 -15.16 -1.18 -19.27
C TYR A 855 -16.05 -0.07 -18.73
N LYS A 856 -17.12 -0.43 -18.02
CA LYS A 856 -18.02 0.58 -17.47
C LYS A 856 -17.37 1.37 -16.35
N ASN A 857 -16.58 0.70 -15.51
CA ASN A 857 -15.98 1.39 -14.36
C ASN A 857 -14.94 2.39 -14.80
N LEU A 858 -14.20 2.10 -15.86
CA LEU A 858 -13.09 2.93 -16.30
C LEU A 858 -13.46 3.94 -17.38
N THR A 859 -14.72 4.02 -17.78
CA THR A 859 -15.15 4.97 -18.79
C THR A 859 -16.30 5.86 -18.34
N ILE A 860 -16.93 5.58 -17.20
CA ILE A 860 -17.99 6.41 -16.65
C ILE A 860 -17.54 6.91 -15.29
N ASN A 861 -17.65 8.23 -15.07
CA ASN A 861 -17.12 8.82 -13.85
C ASN A 861 -17.90 8.40 -12.62
N GLU A 862 -19.21 8.23 -12.76
CA GLU A 862 -20.05 7.93 -11.60
C GLU A 862 -19.75 6.56 -11.01
N LEU A 863 -19.27 5.62 -11.82
CA LEU A 863 -18.96 4.27 -11.35
C LEU A 863 -17.48 4.06 -11.08
N PHE A 864 -16.64 5.09 -11.23
CA PHE A 864 -15.21 4.93 -11.00
C PHE A 864 -14.92 4.75 -9.52
N ASP A 865 -15.25 5.76 -8.72
CA ASP A 865 -15.00 5.72 -7.29
C ASP A 865 -16.23 5.18 -6.57
N ARG A 866 -16.02 4.25 -5.65
CA ARG A 866 -17.11 3.59 -4.95
C ARG A 866 -17.65 4.40 -3.78
N ASN A 867 -17.27 5.67 -3.67
CA ASN A 867 -17.78 6.55 -2.62
C ASN A 867 -18.73 7.60 -3.17
N ASN A 868 -19.11 7.50 -4.44
CA ASN A 868 -19.99 8.48 -5.09
C ASN A 868 -21.35 7.84 -5.36
N PRO A 869 -22.43 8.36 -4.79
CA PRO A 869 -23.76 7.75 -5.01
C PRO A 869 -24.51 8.24 -6.23
N ASN A 870 -23.85 8.94 -7.16
CA ASN A 870 -24.55 9.46 -8.32
C ASN A 870 -24.95 8.31 -9.25
N PRO A 871 -26.14 8.37 -9.85
CA PRO A 871 -26.54 7.33 -10.79
C PRO A 871 -25.83 7.46 -12.12
N GLU A 872 -25.87 6.37 -12.88
CA GLU A 872 -25.31 6.38 -14.22
C GLU A 872 -26.08 7.37 -15.09
N PRO A 873 -25.39 8.23 -15.85
CA PRO A 873 -26.10 9.25 -16.64
C PRO A 873 -27.05 8.63 -17.63
N LYS A 874 -28.21 9.26 -17.81
CA LYS A 874 -29.21 8.78 -18.74
C LYS A 874 -28.81 9.14 -20.17
N GLU A 875 -28.87 8.16 -21.06
CA GLU A 875 -28.48 8.36 -22.45
C GLU A 875 -29.70 8.70 -23.31
MG MG D . -12.76 -11.62 -7.40
#